data_1QHO
#
_entry.id   1QHO
#
_cell.length_a   89.820
_cell.length_b   89.820
_cell.length_c   185.750
_cell.angle_alpha   90.00
_cell.angle_beta   90.00
_cell.angle_gamma   120.00
#
_symmetry.space_group_name_H-M   'P 31 2 1'
#
loop_
_entity.id
_entity.type
_entity.pdbx_description
1 polymer ALPHA-AMYLASE
2 branched alpha-D-glucopyranose-(1-4)-alpha-D-glucopyranose
3 branched alpha-D-glucopyranose-(1-4)-alpha-D-glucopyranose-(1-4)-alpha-D-glucopyranose-(1-4)-4-amino-4,6-dideoxy-alpha-D-glucopyranose-(1-4)-alpha-D-glucopyranose-(1-4)-beta-D-glucopyranose
4 non-polymer 'CALCIUM ION'
5 non-polymer 'SULFATE ION'
6 water water
#
_entity_poly.entity_id   1
_entity_poly.type   'polypeptide(L)'
_entity_poly.pdbx_seq_one_letter_code
;SSSASVKGDVIYQIIIDRFYDGDTTNNNPAKSYGLYDPTKSKWKMYWGGDLEGVRQKLPYLKQLGVTTIWLSPVLDNLDT
LAGTDNTGYHGYWTRDFKQIEEHFGNWTTFDTLVNDAHQNGIKVIVDFVPNHSTPFKANDSTFAEGGALYNNGTYMGNYF
DDATKGYFHHNGDISNWDDRYEAQWKNFTDPAGFSLADLSQENGTIAQYLTDAAVQLVAHGADGLRIDAVKHFNSGFSKS
LADKLYQKKDIFLVGEWYGDDPGTANHLEKVRYANNSGVNVLDFDLNTVIRNVFGTFTQTMYDLNNMVNQTGNEYKYKEN
LITFIDNHDMSRFLSVNSNKANLHQALAFILTSRGTPSIYYGTEQYMAGGNDPYNRGMMPAFDTTTTAFKEVSTLAGLRR
NNAAIQYGTTTQRWINNDVYIYERKFFNDVVLVAINRNTQSSYSISGLQTALPNGSYADYLSGLLGGNGISVSNGSVASF
TLAPGAVSVWQYSTSASAPQIGSVAPNMGIPGNVVTIDGKGFGTTQGTVTFGGVTATVKSWTSNRIEVYVPNMAAGLTDV
KVTAGGVSSNLYSYNILSGTQTSVVFTVKSAPPTNLGDKIYLTGNIPELGNWSTDTSGAVNNAQGPLLAPNYPDWFYVFS
VPAGKTIQFKFFIKRADGTIQWENGSNHVATTPTGATGNITVTWQN
;
_entity_poly.pdbx_strand_id   A
#
loop_
_chem_comp.id
_chem_comp.type
_chem_comp.name
_chem_comp.formula
AGL D-saccharide, alpha linking 4-amino-4,6-dideoxy-alpha-D-glucopyranose 'C6 H13 N O4'
BGC D-saccharide, beta linking beta-D-glucopyranose 'C6 H12 O6'
CA non-polymer 'CALCIUM ION' 'Ca 2'
GLC D-saccharide, alpha linking alpha-D-glucopyranose 'C6 H12 O6'
SO4 non-polymer 'SULFATE ION' 'O4 S -2'
#
# COMPACT_ATOMS: atom_id res chain seq x y z
N SER A 1 -14.41 -10.13 6.42
CA SER A 1 -15.12 -8.84 6.68
C SER A 1 -14.92 -7.93 5.48
N SER A 2 -15.45 -6.70 5.54
CA SER A 2 -15.25 -5.77 4.44
C SER A 2 -13.87 -5.12 4.48
N SER A 3 -13.10 -5.36 5.55
CA SER A 3 -11.77 -4.78 5.65
C SER A 3 -10.74 -5.44 4.73
N ALA A 4 -10.96 -6.69 4.34
CA ALA A 4 -9.94 -7.44 3.63
C ALA A 4 -9.63 -6.90 2.25
N SER A 5 -10.64 -6.49 1.50
CA SER A 5 -10.42 -6.00 0.15
C SER A 5 -10.91 -4.56 0.02
N VAL A 6 -10.14 -3.70 -0.65
CA VAL A 6 -10.60 -2.33 -0.87
C VAL A 6 -10.82 -2.14 -2.38
N LYS A 7 -10.98 -3.23 -3.14
CA LYS A 7 -11.16 -3.12 -4.59
C LYS A 7 -12.39 -2.34 -5.03
N GLY A 8 -13.42 -2.28 -4.20
CA GLY A 8 -14.62 -1.52 -4.56
C GLY A 8 -14.65 -0.14 -3.91
N ASP A 9 -13.53 0.26 -3.31
CA ASP A 9 -13.48 1.52 -2.59
C ASP A 9 -12.74 2.65 -3.28
N VAL A 10 -12.99 3.84 -2.72
CA VAL A 10 -12.19 5.03 -3.03
C VAL A 10 -11.49 5.38 -1.69
N ILE A 11 -10.16 5.43 -1.72
CA ILE A 11 -9.37 5.84 -0.55
C ILE A 11 -9.17 7.36 -0.60
N TYR A 12 -9.26 7.97 0.56
CA TYR A 12 -9.06 9.43 0.67
C TYR A 12 -7.99 9.66 1.73
N GLN A 13 -6.87 10.24 1.31
CA GLN A 13 -5.72 10.44 2.16
C GLN A 13 -5.76 11.80 2.84
N ILE A 14 -5.84 11.77 4.17
CA ILE A 14 -5.93 13.00 4.93
C ILE A 14 -4.70 13.26 5.80
N ILE A 15 -4.17 14.48 5.65
CA ILE A 15 -3.12 15.00 6.53
C ILE A 15 -3.94 15.66 7.65
N ILE A 16 -4.06 14.95 8.76
CA ILE A 16 -4.92 15.35 9.85
C ILE A 16 -4.80 16.82 10.28
N ASP A 17 -3.58 17.29 10.53
CA ASP A 17 -3.42 18.66 10.98
C ASP A 17 -3.91 19.72 10.01
N ARG A 18 -4.05 19.40 8.72
CA ARG A 18 -4.45 20.33 7.68
C ARG A 18 -5.83 20.12 7.09
N PHE A 19 -6.66 19.29 7.76
CA PHE A 19 -7.99 19.02 7.19
C PHE A 19 -9.07 19.83 7.88
N TYR A 20 -9.38 19.55 9.15
CA TYR A 20 -10.40 20.32 9.85
C TYR A 20 -10.15 20.34 11.35
N ASP A 21 -10.19 21.54 11.90
CA ASP A 21 -9.97 21.74 13.35
C ASP A 21 -11.34 21.58 14.03
N GLY A 22 -11.62 20.36 14.47
CA GLY A 22 -12.93 20.06 15.08
C GLY A 22 -12.96 20.33 16.58
N ASP A 23 -11.81 20.59 17.17
CA ASP A 23 -11.71 20.83 18.61
C ASP A 23 -10.62 21.87 18.81
N THR A 24 -10.91 23.14 19.03
CA THR A 24 -9.82 24.10 19.19
C THR A 24 -9.07 23.97 20.51
N THR A 25 -9.56 23.19 21.47
CA THR A 25 -8.95 23.06 22.78
C THR A 25 -7.69 22.21 22.78
N ASN A 26 -7.42 21.45 21.71
CA ASN A 26 -6.18 20.66 21.71
C ASN A 26 -5.16 21.28 20.78
N ASN A 27 -5.35 22.54 20.38
CA ASN A 27 -4.44 23.19 19.45
C ASN A 27 -3.04 23.45 20.01
N ASN A 28 -2.94 23.69 21.32
CA ASN A 28 -1.62 24.02 21.89
C ASN A 28 -1.54 23.49 23.32
N PRO A 29 -1.47 22.18 23.46
CA PRO A 29 -1.43 21.51 24.75
C PRO A 29 -0.17 21.84 25.53
N ALA A 30 -0.29 21.86 26.87
CA ALA A 30 0.88 22.07 27.72
C ALA A 30 1.96 21.03 27.48
N LYS A 31 1.60 19.79 27.18
CA LYS A 31 2.58 18.72 26.93
C LYS A 31 3.56 19.10 25.81
N SER A 32 3.11 19.81 24.78
CA SER A 32 3.94 20.17 23.63
C SER A 32 3.65 21.62 23.25
N TYR A 33 3.71 22.48 24.26
CA TYR A 33 3.40 23.90 24.07
C TYR A 33 4.30 24.62 23.10
N GLY A 34 3.74 25.56 22.33
CA GLY A 34 4.54 26.39 21.44
C GLY A 34 4.78 25.84 20.04
N LEU A 35 4.04 24.79 19.64
CA LEU A 35 4.21 24.23 18.31
C LEU A 35 3.05 24.55 17.38
N TYR A 36 2.15 25.42 17.84
CA TYR A 36 0.95 25.81 17.12
C TYR A 36 1.05 27.18 16.49
N ASP A 37 0.58 27.29 15.25
CA ASP A 37 0.55 28.57 14.54
C ASP A 37 -0.90 28.86 14.15
N PRO A 38 -1.53 29.79 14.86
CA PRO A 38 -2.89 30.21 14.56
C PRO A 38 -3.01 30.99 13.27
N THR A 39 -1.92 31.52 12.72
CA THR A 39 -1.99 32.31 11.49
C THR A 39 -1.90 31.48 10.22
N LYS A 40 -1.56 30.20 10.34
CA LYS A 40 -1.40 29.33 9.17
C LYS A 40 -0.48 29.99 8.14
N SER A 41 0.67 30.48 8.62
CA SER A 41 1.67 31.08 7.76
C SER A 41 3.04 30.43 7.96
N LYS A 42 3.18 29.63 9.01
CA LYS A 42 4.44 28.92 9.29
C LYS A 42 4.15 27.46 8.90
N TRP A 43 4.61 27.08 7.71
CA TRP A 43 4.18 25.85 7.06
C TRP A 43 4.55 24.54 7.72
N LYS A 44 5.49 24.53 8.67
CA LYS A 44 5.87 23.29 9.33
C LYS A 44 5.43 23.26 10.79
N MET A 45 4.53 24.16 11.19
CA MET A 45 3.98 24.15 12.55
C MET A 45 2.62 23.45 12.56
N TYR A 46 2.10 23.09 13.73
CA TYR A 46 0.74 22.56 13.77
C TYR A 46 -0.27 23.67 13.51
N TRP A 47 -1.21 23.42 12.59
CA TRP A 47 -2.24 24.38 12.27
C TRP A 47 -3.56 24.08 12.98
N GLY A 48 -3.68 22.88 13.54
CA GLY A 48 -4.86 22.60 14.36
C GLY A 48 -5.82 21.57 13.89
N GLY A 49 -5.70 20.97 12.73
CA GLY A 49 -6.66 19.93 12.32
C GLY A 49 -6.53 18.74 13.25
N ASP A 50 -7.64 17.99 13.44
CA ASP A 50 -7.57 16.87 14.38
C ASP A 50 -8.54 15.75 14.05
N LEU A 51 -8.53 14.72 14.88
CA LEU A 51 -9.38 13.54 14.63
C LEU A 51 -10.85 13.88 14.73
N GLU A 52 -11.21 14.75 15.67
CA GLU A 52 -12.62 15.17 15.78
C GLU A 52 -13.07 15.96 14.56
N GLY A 53 -12.18 16.70 13.91
CA GLY A 53 -12.47 17.42 12.67
C GLY A 53 -12.77 16.44 11.55
N VAL A 54 -12.00 15.33 11.47
CA VAL A 54 -12.30 14.33 10.46
C VAL A 54 -13.69 13.73 10.72
N ARG A 55 -14.00 13.47 11.99
CA ARG A 55 -15.30 12.85 12.31
C ARG A 55 -16.44 13.79 11.96
N GLN A 56 -16.26 15.08 12.19
CA GLN A 56 -17.32 16.06 11.88
C GLN A 56 -17.57 16.18 10.38
N LYS A 57 -16.59 15.86 9.54
CA LYS A 57 -16.71 15.90 8.10
C LYS A 57 -17.03 14.56 7.47
N LEU A 58 -17.51 13.59 8.25
CA LEU A 58 -17.94 12.31 7.69
C LEU A 58 -19.04 12.42 6.65
N PRO A 59 -20.03 13.27 6.82
CA PRO A 59 -21.10 13.46 5.84
C PRO A 59 -20.54 13.93 4.50
N TYR A 60 -19.58 14.86 4.55
CA TYR A 60 -18.93 15.34 3.32
C TYR A 60 -18.22 14.19 2.63
N LEU A 61 -17.43 13.44 3.40
CA LEU A 61 -16.68 12.32 2.84
C LEU A 61 -17.57 11.23 2.29
N LYS A 62 -18.65 10.92 2.99
CA LYS A 62 -19.59 9.92 2.48
C LYS A 62 -20.18 10.37 1.15
N GLN A 63 -20.62 11.63 1.08
CA GLN A 63 -21.22 12.15 -0.15
C GLN A 63 -20.23 12.16 -1.31
N LEU A 64 -18.97 12.44 -1.00
CA LEU A 64 -17.92 12.40 -2.03
C LEU A 64 -17.72 11.00 -2.61
N GLY A 65 -18.07 9.94 -1.89
CA GLY A 65 -17.88 8.58 -2.37
C GLY A 65 -16.69 7.91 -1.69
N VAL A 66 -16.18 8.52 -0.62
CA VAL A 66 -15.06 7.91 0.10
C VAL A 66 -15.53 6.68 0.85
N THR A 67 -14.84 5.54 0.72
CA THR A 67 -15.23 4.36 1.49
C THR A 67 -14.09 3.87 2.37
N THR A 68 -12.90 4.44 2.22
CA THR A 68 -11.79 4.18 3.14
C THR A 68 -11.02 5.49 3.34
N ILE A 69 -10.90 5.93 4.59
CA ILE A 69 -10.06 7.09 4.90
C ILE A 69 -8.66 6.57 5.24
N TRP A 70 -7.64 7.12 4.60
CA TRP A 70 -6.26 6.84 4.99
C TRP A 70 -5.87 8.03 5.87
N LEU A 71 -5.76 7.82 7.19
CA LEU A 71 -5.36 8.88 8.10
C LEU A 71 -3.83 8.96 8.16
N SER A 72 -3.27 10.16 8.07
CA SER A 72 -1.83 10.35 8.30
C SER A 72 -1.54 9.88 9.72
N PRO A 73 -0.30 9.71 10.11
CA PRO A 73 0.07 9.03 11.36
C PRO A 73 -0.58 9.68 12.56
N VAL A 74 -1.17 8.87 13.44
CA VAL A 74 -1.91 9.39 14.59
C VAL A 74 -1.17 9.31 15.91
N LEU A 75 0.01 8.68 15.96
CA LEU A 75 0.65 8.44 17.25
C LEU A 75 1.52 9.61 17.71
N ASP A 76 1.74 9.66 19.01
CA ASP A 76 2.41 10.81 19.64
C ASP A 76 3.73 11.16 18.97
N ASN A 77 3.80 12.38 18.43
CA ASN A 77 5.00 12.87 17.78
C ASN A 77 5.82 13.79 18.69
N LEU A 78 7.07 13.98 18.39
CA LEU A 78 7.96 14.96 19.00
C LEU A 78 7.24 16.11 19.66
N ASP A 79 7.54 16.34 20.95
CA ASP A 79 6.89 17.41 21.70
C ASP A 79 7.64 18.73 21.72
N THR A 80 8.74 18.82 20.98
CA THR A 80 9.54 20.03 20.90
C THR A 80 9.68 20.45 19.43
N LEU A 81 10.35 21.58 19.21
CA LEU A 81 10.69 21.98 17.85
C LEU A 81 11.87 21.14 17.39
N ALA A 82 12.07 21.07 16.08
CA ALA A 82 13.24 20.44 15.50
C ALA A 82 13.85 21.49 14.57
N GLY A 83 14.39 22.54 15.19
CA GLY A 83 14.89 23.68 14.38
C GLY A 83 13.74 24.67 14.16
N THR A 84 14.05 25.77 13.47
CA THR A 84 13.15 26.89 13.26
C THR A 84 11.76 26.55 12.76
N ASP A 85 10.76 26.80 13.62
CA ASP A 85 9.35 26.62 13.29
C ASP A 85 9.09 25.26 12.65
N ASN A 86 9.80 24.22 13.09
CA ASN A 86 9.64 22.90 12.46
C ASN A 86 9.18 21.87 13.46
N THR A 87 8.03 21.24 13.17
CA THR A 87 7.37 20.36 14.13
C THR A 87 6.93 19.06 13.49
N GLY A 88 6.51 18.12 14.33
CA GLY A 88 5.94 16.86 13.83
C GLY A 88 4.47 16.97 13.48
N TYR A 89 3.97 18.09 12.98
CA TYR A 89 2.58 18.24 12.58
C TYR A 89 2.12 17.14 11.64
N HIS A 90 3.01 16.63 10.78
CA HIS A 90 2.70 15.62 9.79
C HIS A 90 2.54 14.22 10.37
N GLY A 91 3.09 13.94 11.55
CA GLY A 91 2.92 12.65 12.21
C GLY A 91 4.01 11.62 11.97
N TYR A 92 5.04 11.93 11.20
CA TYR A 92 6.07 10.93 10.91
C TYR A 92 7.21 10.87 11.89
N TRP A 93 7.22 11.69 12.94
CA TRP A 93 8.31 11.72 13.92
C TRP A 93 7.77 11.26 15.28
N THR A 94 7.63 9.96 15.47
CA THR A 94 6.95 9.37 16.61
C THR A 94 7.83 9.20 17.84
N ARG A 95 7.36 9.73 18.96
CA ARG A 95 8.05 9.54 20.23
C ARG A 95 7.40 8.43 21.07
N ASP A 96 6.14 8.09 20.78
CA ASP A 96 5.46 7.08 21.60
C ASP A 96 4.43 6.39 20.72
N PHE A 97 4.73 5.14 20.34
CA PHE A 97 3.82 4.44 19.44
C PHE A 97 2.58 3.89 20.13
N LYS A 98 2.42 4.08 21.43
CA LYS A 98 1.27 3.55 22.14
C LYS A 98 0.21 4.60 22.46
N GLN A 99 0.50 5.87 22.19
CA GLN A 99 -0.42 6.94 22.52
C GLN A 99 -0.77 7.80 21.30
N ILE A 100 -2.00 8.29 21.32
CA ILE A 100 -2.43 9.19 20.26
C ILE A 100 -1.77 10.56 20.46
N GLU A 101 -1.41 11.20 19.35
CA GLU A 101 -0.85 12.56 19.39
C GLU A 101 -1.86 13.50 20.06
N GLU A 102 -1.40 14.22 21.09
CA GLU A 102 -2.30 15.07 21.87
C GLU A 102 -2.89 16.24 21.11
N HIS A 103 -2.23 16.77 20.06
CA HIS A 103 -2.85 17.78 19.21
C HIS A 103 -4.05 17.20 18.46
N PHE A 104 -4.10 15.88 18.25
CA PHE A 104 -5.17 15.28 17.47
C PHE A 104 -6.32 14.69 18.28
N GLY A 105 -6.08 14.38 19.55
CA GLY A 105 -7.13 13.82 20.40
C GLY A 105 -6.49 12.81 21.35
N ASN A 106 -7.28 11.86 21.86
CA ASN A 106 -6.76 10.79 22.70
C ASN A 106 -7.34 9.48 22.17
N TRP A 107 -7.13 8.36 22.85
CA TRP A 107 -7.69 7.09 22.35
C TRP A 107 -9.21 7.13 22.25
N THR A 108 -9.89 7.81 23.17
CA THR A 108 -11.34 7.96 23.04
C THR A 108 -11.71 8.67 21.75
N THR A 109 -10.99 9.74 21.40
CA THR A 109 -11.28 10.48 20.17
C THR A 109 -11.08 9.57 18.96
N PHE A 110 -9.99 8.80 18.96
CA PHE A 110 -9.71 7.87 17.86
C PHE A 110 -10.84 6.84 17.77
N ASP A 111 -11.21 6.24 18.90
CA ASP A 111 -12.30 5.26 18.91
C ASP A 111 -13.60 5.83 18.36
N THR A 112 -13.92 7.04 18.80
CA THR A 112 -15.16 7.69 18.34
C THR A 112 -15.14 7.95 16.85
N LEU A 113 -14.02 8.43 16.31
CA LEU A 113 -13.95 8.64 14.86
C LEU A 113 -14.10 7.34 14.09
N VAL A 114 -13.39 6.30 14.52
CA VAL A 114 -13.45 5.02 13.82
C VAL A 114 -14.84 4.42 13.90
N ASN A 115 -15.46 4.46 15.06
CA ASN A 115 -16.81 3.94 15.23
C ASN A 115 -17.80 4.69 14.37
N ASP A 116 -17.71 6.02 14.33
CA ASP A 116 -18.62 6.82 13.52
C ASP A 116 -18.34 6.64 12.04
N ALA A 117 -17.08 6.48 11.64
CA ALA A 117 -16.78 6.17 10.24
C ALA A 117 -17.46 4.87 9.85
N HIS A 118 -17.27 3.82 10.66
CA HIS A 118 -17.89 2.53 10.38
C HIS A 118 -19.41 2.62 10.30
N GLN A 119 -20.04 3.41 11.17
CA GLN A 119 -21.49 3.58 11.06
C GLN A 119 -21.88 4.19 9.71
N ASN A 120 -21.01 5.01 9.12
CA ASN A 120 -21.27 5.61 7.82
C ASN A 120 -20.76 4.76 6.65
N GLY A 121 -20.39 3.52 6.88
CA GLY A 121 -19.91 2.60 5.86
C GLY A 121 -18.53 2.98 5.32
N ILE A 122 -17.72 3.61 6.17
CA ILE A 122 -16.40 4.07 5.77
C ILE A 122 -15.34 3.42 6.64
N LYS A 123 -14.33 2.84 6.01
CA LYS A 123 -13.24 2.20 6.75
C LYS A 123 -12.12 3.20 7.03
N VAL A 124 -11.27 2.84 8.00
CA VAL A 124 -10.16 3.71 8.35
C VAL A 124 -8.85 2.93 8.34
N ILE A 125 -7.88 3.34 7.51
CA ILE A 125 -6.57 2.71 7.54
C ILE A 125 -5.64 3.77 8.14
N VAL A 126 -4.65 3.34 8.92
CA VAL A 126 -3.77 4.30 9.59
C VAL A 126 -2.35 4.23 9.07
N ASP A 127 -1.75 5.40 8.84
CA ASP A 127 -0.35 5.47 8.39
C ASP A 127 0.51 5.13 9.60
N PHE A 128 1.34 4.10 9.49
CA PHE A 128 2.14 3.61 10.61
C PHE A 128 3.61 3.69 10.25
N VAL A 129 4.45 4.20 11.14
CA VAL A 129 5.82 4.63 10.78
C VAL A 129 6.88 3.94 11.60
N PRO A 130 7.16 2.67 11.32
CA PRO A 130 8.09 1.85 12.07
C PRO A 130 9.57 2.08 11.82
N ASN A 131 9.95 2.91 10.86
CA ASN A 131 11.37 3.09 10.55
C ASN A 131 12.14 3.87 11.60
N HIS A 132 11.48 4.81 12.27
CA HIS A 132 12.26 5.72 13.11
C HIS A 132 11.42 6.38 14.19
N SER A 133 12.13 7.03 15.11
CA SER A 133 11.46 7.87 16.08
C SER A 133 11.51 9.31 15.61
N THR A 134 12.33 10.15 16.24
CA THR A 134 12.33 11.59 15.94
C THR A 134 13.68 12.17 15.59
N PRO A 135 13.68 13.42 15.17
CA PRO A 135 14.87 14.16 14.76
C PRO A 135 15.96 14.22 15.83
N PHE A 136 17.22 14.05 15.37
CA PHE A 136 18.34 14.19 16.29
C PHE A 136 19.58 14.68 15.54
N LYS A 137 20.53 15.21 16.29
CA LYS A 137 21.86 15.53 15.78
C LYS A 137 22.83 14.63 16.52
N ALA A 138 23.67 13.89 15.79
CA ALA A 138 24.55 12.95 16.49
C ALA A 138 25.49 13.65 17.44
N ASN A 139 25.92 14.87 17.14
CA ASN A 139 26.86 15.58 18.01
C ASN A 139 26.21 16.41 19.09
N ASP A 140 24.89 16.42 19.20
CA ASP A 140 24.23 17.25 20.20
C ASP A 140 22.93 16.65 20.68
N SER A 141 22.95 16.07 21.88
CA SER A 141 21.77 15.42 22.45
C SER A 141 20.68 16.41 22.89
N THR A 142 20.98 17.70 22.93
CA THR A 142 20.00 18.70 23.32
C THR A 142 19.09 19.11 22.15
N PHE A 143 19.46 18.71 20.93
CA PHE A 143 18.60 19.04 19.78
C PHE A 143 17.33 18.19 19.83
N ALA A 144 16.18 18.85 19.75
CA ALA A 144 14.89 18.13 19.78
C ALA A 144 14.84 17.25 21.03
N GLU A 145 14.44 15.98 20.92
CA GLU A 145 14.41 15.10 22.09
C GLU A 145 15.50 14.06 22.03
N GLY A 146 16.51 14.22 21.15
CA GLY A 146 17.59 13.26 21.03
C GLY A 146 17.13 11.87 20.54
N GLY A 147 15.98 11.81 19.87
CA GLY A 147 15.46 10.55 19.35
C GLY A 147 14.66 9.76 20.38
N ALA A 148 14.30 10.37 21.50
CA ALA A 148 13.63 9.66 22.59
C ALA A 148 12.38 8.87 22.19
N LEU A 149 12.30 7.66 22.72
CA LEU A 149 11.20 6.75 22.51
C LEU A 149 10.60 6.35 23.86
N TYR A 150 9.28 6.43 23.95
CA TYR A 150 8.54 6.09 25.15
C TYR A 150 7.56 4.95 24.87
N ASN A 151 7.19 4.23 25.93
CA ASN A 151 6.20 3.15 25.81
C ASN A 151 4.98 3.53 26.65
N ASN A 152 4.00 4.18 26.04
CA ASN A 152 2.83 4.69 26.79
C ASN A 152 3.26 5.54 27.97
N GLY A 153 4.17 6.48 27.71
CA GLY A 153 4.64 7.43 28.70
C GLY A 153 5.89 7.00 29.47
N THR A 154 6.22 5.71 29.44
CA THR A 154 7.39 5.22 30.15
C THR A 154 8.62 5.31 29.24
N TYR A 155 9.63 6.06 29.69
CA TYR A 155 10.82 6.21 28.85
C TYR A 155 11.52 4.88 28.55
N MET A 156 11.88 4.68 27.29
CA MET A 156 12.62 3.49 26.85
C MET A 156 14.09 3.86 26.60
N GLY A 157 14.29 4.91 25.82
CA GLY A 157 15.69 5.30 25.53
C GLY A 157 15.75 6.27 24.35
N ASN A 158 16.95 6.79 24.09
CA ASN A 158 17.14 7.70 22.97
C ASN A 158 18.40 7.30 22.21
N TYR A 159 18.87 8.14 21.28
CA TYR A 159 20.04 7.77 20.47
C TYR A 159 21.32 7.72 21.28
N PHE A 160 21.35 8.36 22.44
CA PHE A 160 22.53 8.54 23.25
C PHE A 160 22.68 7.62 24.43
N ASP A 161 21.61 6.99 24.92
CA ASP A 161 21.76 6.07 26.04
C ASP A 161 21.44 4.64 25.61
N ASP A 162 21.80 4.30 24.37
CA ASP A 162 21.47 3.03 23.77
C ASP A 162 22.53 1.95 23.82
N ALA A 163 23.70 2.23 24.39
CA ALA A 163 24.78 1.25 24.43
C ALA A 163 24.36 -0.15 24.86
N THR A 164 23.63 -0.29 25.95
CA THR A 164 23.27 -1.62 26.44
C THR A 164 21.88 -2.06 26.04
N LYS A 165 21.22 -1.31 25.16
CA LYS A 165 19.86 -1.66 24.75
C LYS A 165 19.80 -2.05 23.28
N GLY A 166 20.45 -1.25 22.43
CA GLY A 166 20.44 -1.53 21.00
C GLY A 166 19.06 -1.33 20.36
N TYR A 167 18.32 -0.33 20.82
CA TYR A 167 17.02 -0.05 20.24
C TYR A 167 17.15 0.65 18.88
N PHE A 168 18.28 1.32 18.65
CA PHE A 168 18.52 2.04 17.41
C PHE A 168 19.74 1.53 16.68
N HIS A 169 19.78 1.75 15.35
CA HIS A 169 20.99 1.50 14.57
C HIS A 169 21.91 2.71 14.76
N HIS A 170 23.23 2.48 14.75
CA HIS A 170 24.21 3.56 14.93
C HIS A 170 25.22 3.54 13.78
N ASN A 171 24.71 3.59 12.55
CA ASN A 171 25.56 3.39 11.37
C ASN A 171 25.80 4.64 10.53
N GLY A 172 25.40 5.80 10.99
CA GLY A 172 25.59 7.03 10.22
C GLY A 172 24.39 7.29 9.32
N ASP A 173 24.42 8.41 8.63
CA ASP A 173 23.37 8.87 7.75
C ASP A 173 23.41 8.22 6.38
N ILE A 174 22.22 8.07 5.80
CA ILE A 174 22.17 7.62 4.40
C ILE A 174 22.92 8.61 3.51
N SER A 175 23.72 8.08 2.60
CA SER A 175 24.40 8.94 1.61
C SER A 175 23.84 8.60 0.23
N ASN A 176 23.90 7.32 -0.10
CA ASN A 176 23.36 6.84 -1.38
C ASN A 176 22.01 6.20 -1.07
N TRP A 177 20.93 6.91 -1.41
CA TRP A 177 19.59 6.39 -1.14
C TRP A 177 19.22 5.16 -1.97
N ASP A 178 19.98 4.80 -3.00
CA ASP A 178 19.71 3.62 -3.81
C ASP A 178 20.54 2.44 -3.34
N ASP A 179 21.45 2.62 -2.38
CA ASP A 179 22.23 1.49 -1.89
C ASP A 179 21.33 0.80 -0.85
N ARG A 180 21.00 -0.47 -1.06
CA ARG A 180 20.02 -1.12 -0.17
C ARG A 180 20.48 -1.24 1.27
N TYR A 181 21.76 -1.51 1.54
CA TYR A 181 22.22 -1.55 2.92
C TYR A 181 22.09 -0.17 3.57
N GLU A 182 22.55 0.89 2.91
CA GLU A 182 22.43 2.22 3.49
C GLU A 182 20.97 2.62 3.73
N ALA A 183 20.12 2.36 2.74
CA ALA A 183 18.73 2.78 2.81
C ALA A 183 18.01 2.17 4.02
N GLN A 184 18.43 0.98 4.43
CA GLN A 184 17.78 0.30 5.54
C GLN A 184 18.54 0.43 6.85
N TRP A 185 19.85 0.44 6.89
CA TRP A 185 20.57 0.46 8.17
C TRP A 185 21.12 1.82 8.53
N LYS A 186 21.10 2.79 7.62
CA LYS A 186 21.58 4.13 7.95
C LYS A 186 20.40 5.07 8.14
N ASN A 187 20.66 6.26 8.69
CA ASN A 187 19.59 7.16 9.07
C ASN A 187 18.96 7.95 7.93
N PHE A 188 17.63 8.02 8.02
CA PHE A 188 16.84 8.88 7.14
C PHE A 188 17.25 10.32 7.47
N THR A 189 17.47 11.14 6.43
CA THR A 189 17.88 12.51 6.71
C THR A 189 16.85 13.48 6.16
N ASP A 190 16.87 14.68 6.72
CA ASP A 190 15.98 15.78 6.27
C ASP A 190 16.92 16.90 5.87
N PRO A 191 16.69 17.56 4.75
CA PRO A 191 17.50 18.64 4.23
C PRO A 191 17.58 19.85 5.15
N ALA A 192 16.72 19.96 6.15
CA ALA A 192 16.83 21.00 7.18
C ALA A 192 18.10 20.83 8.02
N GLY A 193 18.72 19.66 8.04
CA GLY A 193 19.96 19.47 8.76
C GLY A 193 19.88 18.52 9.94
N PHE A 194 18.94 17.59 9.94
CA PHE A 194 18.92 16.61 11.04
C PHE A 194 18.62 15.22 10.47
N SER A 195 18.78 14.22 11.32
CA SER A 195 18.51 12.84 10.92
C SER A 195 17.36 12.32 11.79
N LEU A 196 16.78 11.20 11.40
CA LEU A 196 15.74 10.56 12.20
C LEU A 196 16.34 9.31 12.83
N ALA A 197 16.18 9.15 14.15
CA ALA A 197 16.79 7.99 14.84
C ALA A 197 16.21 6.69 14.31
N ASP A 198 17.09 5.88 13.72
CA ASP A 198 16.65 4.67 13.03
C ASP A 198 16.42 3.50 13.97
N LEU A 199 15.17 3.07 14.10
CA LEU A 199 14.88 1.96 15.00
C LEU A 199 15.48 0.67 14.47
N SER A 200 15.87 -0.20 15.42
CA SER A 200 16.42 -1.50 15.06
C SER A 200 15.28 -2.52 15.15
N GLN A 201 14.69 -2.86 14.01
CA GLN A 201 13.65 -3.89 13.97
C GLN A 201 14.25 -5.28 14.20
N GLU A 202 15.56 -5.41 14.22
CA GLU A 202 16.25 -6.67 14.49
C GLU A 202 16.43 -6.84 16.00
N ASN A 203 16.10 -5.81 16.78
CA ASN A 203 16.16 -5.87 18.24
C ASN A 203 14.80 -6.43 18.69
N GLY A 204 14.80 -7.47 19.52
CA GLY A 204 13.54 -8.11 19.91
C GLY A 204 12.58 -7.21 20.66
N THR A 205 13.07 -6.37 21.55
CA THR A 205 12.20 -5.43 22.27
C THR A 205 11.50 -4.49 21.28
N ILE A 206 12.29 -3.89 20.40
CA ILE A 206 11.68 -2.95 19.42
C ILE A 206 10.74 -3.68 18.48
N ALA A 207 11.12 -4.86 17.98
CA ALA A 207 10.21 -5.57 17.07
C ALA A 207 8.87 -5.87 17.73
N GLN A 208 8.88 -6.34 18.99
CA GLN A 208 7.64 -6.66 19.68
C GLN A 208 6.86 -5.40 20.03
N TYR A 209 7.57 -4.34 20.39
CA TYR A 209 6.95 -3.05 20.71
C TYR A 209 6.21 -2.50 19.49
N LEU A 210 6.85 -2.56 18.32
CA LEU A 210 6.20 -2.05 17.10
C LEU A 210 5.03 -2.94 16.71
N THR A 211 5.18 -4.24 16.89
CA THR A 211 4.09 -5.18 16.61
C THR A 211 2.91 -4.88 17.53
N ASP A 212 3.18 -4.73 18.83
CA ASP A 212 2.13 -4.41 19.78
C ASP A 212 1.43 -3.10 19.44
N ALA A 213 2.18 -2.09 19.01
CA ALA A 213 1.55 -0.81 18.66
C ALA A 213 0.65 -0.95 17.45
N ALA A 214 1.09 -1.71 16.44
CA ALA A 214 0.25 -1.90 15.25
C ALA A 214 -1.00 -2.70 15.60
N VAL A 215 -0.86 -3.74 16.41
CA VAL A 215 -2.00 -4.55 16.86
C VAL A 215 -2.95 -3.71 17.69
N GLN A 216 -2.45 -2.76 18.48
CA GLN A 216 -3.33 -1.88 19.25
C GLN A 216 -4.21 -1.03 18.35
N LEU A 217 -3.68 -0.52 17.23
CA LEU A 217 -4.53 0.23 16.30
C LEU A 217 -5.65 -0.66 15.76
N VAL A 218 -5.33 -1.89 15.40
CA VAL A 218 -6.36 -2.82 14.92
C VAL A 218 -7.35 -3.18 16.03
N ALA A 219 -6.91 -3.29 17.28
CA ALA A 219 -7.82 -3.59 18.39
C ALA A 219 -8.80 -2.44 18.61
N HIS A 220 -8.40 -1.23 18.26
CA HIS A 220 -9.22 -0.04 18.36
C HIS A 220 -10.06 0.21 17.12
N GLY A 221 -10.13 -0.75 16.21
CA GLY A 221 -11.00 -0.66 15.05
C GLY A 221 -10.38 -0.46 13.69
N ALA A 222 -9.10 -0.12 13.64
CA ALA A 222 -8.51 0.19 12.34
C ALA A 222 -8.73 -0.98 11.36
N ASP A 223 -9.05 -0.62 10.12
CA ASP A 223 -9.29 -1.58 9.07
C ASP A 223 -8.04 -1.94 8.26
N GLY A 224 -6.90 -1.41 8.68
CA GLY A 224 -5.68 -1.72 7.95
C GLY A 224 -4.66 -0.60 8.20
N LEU A 225 -3.52 -0.73 7.56
CA LEU A 225 -2.46 0.25 7.75
C LEU A 225 -1.84 0.60 6.39
N ARG A 226 -1.34 1.83 6.28
CA ARG A 226 -0.43 2.20 5.20
C ARG A 226 0.93 2.25 5.90
N ILE A 227 1.82 1.33 5.59
CA ILE A 227 3.11 1.25 6.28
C ILE A 227 4.15 2.13 5.60
N ASP A 228 4.64 3.09 6.37
CA ASP A 228 5.60 4.06 5.85
C ASP A 228 6.98 3.48 5.60
N ALA A 229 7.63 3.98 4.54
CA ALA A 229 9.03 3.71 4.26
C ALA A 229 9.44 2.24 4.37
N VAL A 230 8.70 1.35 3.67
CA VAL A 230 9.02 -0.08 3.73
C VAL A 230 10.33 -0.45 3.05
N LYS A 231 10.87 0.43 2.21
CA LYS A 231 12.18 0.17 1.60
C LYS A 231 13.30 0.55 2.57
N HIS A 232 12.97 1.15 3.71
CA HIS A 232 13.95 1.62 4.67
C HIS A 232 14.07 0.71 5.88
N PHE A 233 13.37 -0.40 6.01
CA PHE A 233 13.62 -1.32 7.14
C PHE A 233 13.55 -2.72 6.51
N ASN A 234 14.23 -3.70 7.13
CA ASN A 234 14.26 -5.02 6.51
C ASN A 234 12.89 -5.58 6.16
N SER A 235 12.86 -6.33 5.05
CA SER A 235 11.59 -6.87 4.55
C SER A 235 11.17 -8.14 5.29
N GLY A 236 12.04 -8.75 6.07
CA GLY A 236 11.63 -9.87 6.91
C GLY A 236 10.60 -9.38 7.94
N PHE A 237 10.87 -8.22 8.54
CA PHE A 237 9.97 -7.64 9.53
C PHE A 237 8.64 -7.24 8.89
N SER A 238 8.63 -6.72 7.67
CA SER A 238 7.34 -6.45 7.03
C SER A 238 6.49 -7.72 6.96
N LYS A 239 7.06 -8.82 6.48
CA LYS A 239 6.30 -10.06 6.36
C LYS A 239 5.89 -10.64 7.71
N SER A 240 6.76 -10.60 8.72
CA SER A 240 6.42 -11.12 10.04
C SER A 240 5.38 -10.26 10.71
N LEU A 241 5.47 -8.93 10.55
CA LEU A 241 4.49 -8.02 11.13
C LEU A 241 3.12 -8.25 10.49
N ALA A 242 3.10 -8.42 9.16
CA ALA A 242 1.85 -8.67 8.45
C ALA A 242 1.21 -9.95 8.99
N ASP A 243 2.03 -11.00 9.21
CA ASP A 243 1.54 -12.24 9.80
C ASP A 243 0.77 -11.95 11.09
N LYS A 244 1.41 -11.23 12.03
CA LYS A 244 0.74 -10.94 13.31
C LYS A 244 -0.57 -10.20 13.11
N LEU A 245 -0.58 -9.22 12.20
CA LEU A 245 -1.79 -8.43 11.99
C LEU A 245 -2.91 -9.24 11.37
N TYR A 246 -2.60 -10.16 10.45
CA TYR A 246 -3.63 -10.99 9.84
C TYR A 246 -4.17 -12.04 10.81
N GLN A 247 -3.40 -12.41 11.84
CA GLN A 247 -3.91 -13.29 12.88
C GLN A 247 -4.97 -12.61 13.71
N LYS A 248 -4.85 -11.28 13.84
CA LYS A 248 -5.84 -10.50 14.58
C LYS A 248 -7.12 -10.27 13.81
N LYS A 249 -6.98 -9.88 12.54
CA LYS A 249 -8.16 -9.56 11.75
C LYS A 249 -7.79 -9.55 10.27
N ASP A 250 -8.75 -9.76 9.39
CA ASP A 250 -8.50 -9.72 7.95
C ASP A 250 -8.50 -8.27 7.45
N ILE A 251 -7.52 -7.50 7.93
CA ILE A 251 -7.37 -6.10 7.56
C ILE A 251 -6.60 -5.98 6.25
N PHE A 252 -6.50 -4.75 5.74
CA PHE A 252 -5.80 -4.49 4.50
C PHE A 252 -4.45 -3.83 4.79
N LEU A 253 -3.38 -4.27 4.15
CA LEU A 253 -2.08 -3.63 4.34
C LEU A 253 -1.50 -3.19 2.99
N VAL A 254 -0.98 -1.97 2.99
CA VAL A 254 -0.27 -1.44 1.84
C VAL A 254 1.00 -0.77 2.38
N GLY A 255 2.11 -0.94 1.68
CA GLY A 255 3.36 -0.32 2.10
C GLY A 255 3.80 0.74 1.10
N GLU A 256 4.46 1.77 1.62
CA GLU A 256 5.02 2.79 0.74
C GLU A 256 6.46 2.43 0.37
N TRP A 257 6.68 1.89 -0.82
CA TRP A 257 8.01 1.65 -1.37
C TRP A 257 8.20 2.75 -2.42
N TYR A 258 8.80 3.86 -2.03
CA TYR A 258 8.87 5.03 -2.91
C TYR A 258 9.74 4.77 -4.14
N GLY A 259 9.17 5.05 -5.31
CA GLY A 259 9.96 5.02 -6.54
C GLY A 259 10.41 3.63 -6.96
N ASP A 260 11.63 3.58 -7.50
CA ASP A 260 12.18 2.34 -8.04
C ASP A 260 11.24 1.82 -9.13
N ASP A 261 11.08 2.65 -10.16
CA ASP A 261 10.25 2.35 -11.33
C ASP A 261 10.88 1.27 -12.19
N PRO A 262 10.11 0.74 -13.14
CA PRO A 262 10.58 -0.33 -14.03
C PRO A 262 11.89 0.11 -14.71
N GLY A 263 12.81 -0.83 -14.82
CA GLY A 263 14.10 -0.55 -15.44
C GLY A 263 15.16 -0.09 -14.45
N THR A 264 14.81 0.15 -13.20
CA THR A 264 15.79 0.64 -12.22
C THR A 264 16.37 -0.53 -11.45
N ALA A 265 17.53 -0.29 -10.82
CA ALA A 265 18.24 -1.35 -10.12
C ALA A 265 17.48 -2.02 -8.99
N ASN A 266 16.64 -1.26 -8.28
CA ASN A 266 15.93 -1.83 -7.13
C ASN A 266 14.49 -2.21 -7.44
N HIS A 267 14.11 -2.11 -8.71
CA HIS A 267 12.72 -2.41 -9.09
C HIS A 267 12.31 -3.84 -8.80
N LEU A 268 13.12 -4.82 -9.18
CA LEU A 268 12.78 -6.22 -8.95
C LEU A 268 12.61 -6.56 -7.48
N GLU A 269 13.43 -5.96 -6.61
CA GLU A 269 13.26 -6.16 -5.16
C GLU A 269 11.88 -5.66 -4.72
N LYS A 270 11.44 -4.50 -5.20
CA LYS A 270 10.11 -3.99 -4.85
C LYS A 270 9.00 -4.92 -5.35
N VAL A 271 9.13 -5.43 -6.58
CA VAL A 271 8.12 -6.37 -7.10
C VAL A 271 8.08 -7.63 -6.25
N ARG A 272 9.25 -8.18 -5.90
CA ARG A 272 9.30 -9.37 -5.04
C ARG A 272 8.64 -9.10 -3.69
N TYR A 273 8.91 -7.90 -3.13
CA TYR A 273 8.25 -7.52 -1.87
C TYR A 273 6.73 -7.52 -2.04
N ALA A 274 6.21 -6.87 -3.07
CA ALA A 274 4.75 -6.84 -3.29
C ALA A 274 4.19 -8.25 -3.46
N ASN A 275 4.92 -9.11 -4.16
CA ASN A 275 4.41 -10.45 -4.44
C ASN A 275 4.59 -11.45 -3.30
N ASN A 276 5.48 -11.18 -2.34
CA ASN A 276 5.75 -12.15 -1.30
C ASN A 276 5.57 -11.73 0.15
N SER A 277 5.64 -10.44 0.44
CA SER A 277 5.61 -10.02 1.84
C SER A 277 4.28 -10.13 2.54
N GLY A 278 3.18 -10.20 1.80
CA GLY A 278 1.85 -10.10 2.40
C GLY A 278 1.43 -8.64 2.53
N VAL A 279 2.25 -7.73 2.04
CA VAL A 279 1.96 -6.29 2.09
C VAL A 279 1.88 -5.79 0.64
N ASN A 280 0.77 -5.16 0.27
CA ASN A 280 0.65 -4.65 -1.10
C ASN A 280 1.45 -3.36 -1.19
N VAL A 281 1.56 -2.75 -2.37
CA VAL A 281 2.32 -1.50 -2.45
C VAL A 281 1.56 -0.40 -3.17
N LEU A 282 1.98 0.83 -2.82
CA LEU A 282 1.47 2.03 -3.49
C LEU A 282 2.06 2.05 -4.90
N ASP A 283 1.25 2.44 -5.87
CA ASP A 283 1.65 2.30 -7.28
C ASP A 283 2.43 3.48 -7.82
N PHE A 284 3.72 3.50 -7.45
CA PHE A 284 4.61 4.55 -7.95
C PHE A 284 4.95 4.33 -9.42
N ASP A 285 4.94 3.08 -9.88
CA ASP A 285 5.25 2.83 -11.30
C ASP A 285 4.24 3.57 -12.18
N LEU A 286 2.95 3.41 -11.86
CA LEU A 286 1.92 4.09 -12.65
C LEU A 286 1.86 5.58 -12.35
N ASN A 287 2.11 5.98 -11.11
CA ASN A 287 2.08 7.41 -10.77
C ASN A 287 2.98 8.24 -11.67
N THR A 288 4.22 7.79 -11.88
CA THR A 288 5.16 8.55 -12.69
C THR A 288 4.57 8.86 -14.07
N VAL A 289 3.99 7.81 -14.67
CA VAL A 289 3.44 7.96 -16.02
C VAL A 289 2.17 8.79 -16.04
N ILE A 290 1.31 8.64 -15.03
CA ILE A 290 0.10 9.48 -14.95
C ILE A 290 0.49 10.95 -14.94
N ARG A 291 1.49 11.31 -14.13
CA ARG A 291 1.91 12.71 -14.06
C ARG A 291 2.52 13.21 -15.36
N ASN A 292 3.25 12.37 -16.07
CA ASN A 292 3.85 12.78 -17.35
C ASN A 292 2.80 12.80 -18.47
N VAL A 293 1.73 12.01 -18.38
CA VAL A 293 0.75 11.97 -19.48
C VAL A 293 -0.31 13.05 -19.36
N PHE A 294 -0.86 13.20 -18.14
CA PHE A 294 -1.89 14.19 -17.89
C PHE A 294 -1.35 15.50 -17.32
N GLY A 295 -0.17 15.47 -16.70
CA GLY A 295 0.36 16.68 -16.08
C GLY A 295 1.34 17.43 -16.96
N THR A 296 2.56 16.89 -17.10
CA THR A 296 3.58 17.61 -17.87
C THR A 296 3.51 17.39 -19.37
N PHE A 297 2.77 16.40 -19.83
CA PHE A 297 2.64 16.09 -21.25
C PHE A 297 3.99 15.75 -21.88
N THR A 298 4.86 15.06 -21.14
CA THR A 298 6.14 14.60 -21.64
C THR A 298 6.08 13.13 -22.04
N GLN A 299 4.98 12.45 -21.68
CA GLN A 299 4.76 11.08 -22.12
C GLN A 299 3.38 11.03 -22.80
N THR A 300 3.07 9.95 -23.49
CA THR A 300 1.79 9.86 -24.20
C THR A 300 0.91 8.74 -23.69
N MET A 301 -0.27 8.56 -24.34
CA MET A 301 -1.13 7.44 -23.98
C MET A 301 -0.48 6.11 -24.27
N TYR A 302 0.43 6.02 -25.25
CA TYR A 302 1.14 4.77 -25.48
C TYR A 302 1.95 4.39 -24.24
N ASP A 303 2.60 5.37 -23.61
CA ASP A 303 3.36 5.09 -22.40
C ASP A 303 2.45 4.67 -21.24
N LEU A 304 1.28 5.28 -21.16
CA LEU A 304 0.34 4.92 -20.08
C LEU A 304 -0.14 3.49 -20.26
N ASN A 305 -0.52 3.12 -21.48
CA ASN A 305 -0.95 1.75 -21.77
C ASN A 305 0.20 0.76 -21.55
N ASN A 306 1.42 1.14 -21.93
CA ASN A 306 2.58 0.28 -21.70
C ASN A 306 2.78 0.02 -20.21
N MET A 307 2.59 1.03 -19.37
CA MET A 307 2.78 0.85 -17.93
C MET A 307 1.66 0.03 -17.30
N VAL A 308 0.43 0.13 -17.80
CA VAL A 308 -0.64 -0.75 -17.35
C VAL A 308 -0.25 -2.19 -17.68
N ASN A 309 0.25 -2.44 -18.89
CA ASN A 309 0.67 -3.78 -19.27
C ASN A 309 1.86 -4.27 -18.44
N GLN A 310 2.88 -3.44 -18.26
CA GLN A 310 4.05 -3.87 -17.49
C GLN A 310 3.72 -4.18 -16.05
N THR A 311 2.99 -3.30 -15.38
CA THR A 311 2.61 -3.57 -13.98
C THR A 311 1.69 -4.78 -13.90
N GLY A 312 0.84 -4.96 -14.92
CA GLY A 312 -0.08 -6.10 -14.96
C GLY A 312 0.67 -7.42 -15.06
N ASN A 313 1.82 -7.41 -15.73
CA ASN A 313 2.63 -8.61 -15.85
C ASN A 313 3.50 -8.87 -14.64
N GLU A 314 3.95 -7.81 -13.95
CA GLU A 314 4.86 -8.02 -12.82
C GLU A 314 4.23 -8.28 -11.47
N TYR A 315 3.16 -7.54 -11.17
CA TYR A 315 2.57 -7.68 -9.83
C TYR A 315 1.53 -8.78 -9.80
N LYS A 316 1.74 -9.78 -8.94
CA LYS A 316 0.81 -10.90 -8.86
C LYS A 316 -0.60 -10.44 -8.46
N TYR A 317 -0.65 -9.50 -7.53
CA TYR A 317 -1.93 -8.92 -7.10
C TYR A 317 -1.99 -7.47 -7.54
N LYS A 318 -1.99 -7.27 -8.88
CA LYS A 318 -2.06 -5.90 -9.41
C LYS A 318 -3.35 -5.21 -9.04
N GLU A 319 -4.42 -5.94 -8.74
CA GLU A 319 -5.68 -5.37 -8.30
C GLU A 319 -5.62 -4.87 -6.86
N ASN A 320 -4.51 -5.05 -6.14
CA ASN A 320 -4.28 -4.53 -4.82
C ASN A 320 -3.34 -3.32 -4.82
N LEU A 321 -2.83 -2.96 -5.99
CA LEU A 321 -2.00 -1.76 -6.10
C LEU A 321 -2.84 -0.53 -5.75
N ILE A 322 -2.26 0.39 -5.00
CA ILE A 322 -3.01 1.60 -4.61
C ILE A 322 -2.53 2.77 -5.48
N THR A 323 -3.39 3.23 -6.37
CA THR A 323 -3.01 4.24 -7.36
C THR A 323 -3.27 5.65 -6.88
N PHE A 324 -2.53 6.60 -7.48
CA PHE A 324 -2.63 8.00 -7.06
C PHE A 324 -1.98 8.88 -8.10
N ILE A 325 -2.42 10.14 -8.13
CA ILE A 325 -1.90 11.12 -9.08
C ILE A 325 -0.88 12.03 -8.39
N ASP A 326 -1.05 12.22 -7.09
CA ASP A 326 -0.17 13.05 -6.29
C ASP A 326 -0.31 12.57 -4.84
N ASN A 327 0.39 13.23 -3.93
CA ASN A 327 0.32 12.88 -2.52
C ASN A 327 1.09 13.93 -1.73
N HIS A 328 1.29 13.71 -0.45
CA HIS A 328 1.93 14.69 0.41
C HIS A 328 3.44 14.78 0.27
N ASP A 329 4.05 14.02 -0.64
CA ASP A 329 5.49 14.05 -0.88
C ASP A 329 5.85 14.49 -2.29
N MET A 330 4.87 15.01 -3.02
CA MET A 330 5.14 15.52 -4.37
C MET A 330 4.21 16.70 -4.66
N SER A 331 4.55 17.55 -5.62
CA SER A 331 3.72 18.71 -5.89
C SER A 331 2.31 18.31 -6.27
N ARG A 332 1.33 19.12 -5.88
CA ARG A 332 -0.06 18.80 -6.23
C ARG A 332 -0.21 18.79 -7.76
N PHE A 333 -1.13 17.95 -8.23
CA PHE A 333 -1.37 17.88 -9.67
C PHE A 333 -1.59 19.26 -10.29
N LEU A 334 -2.45 20.09 -9.70
CA LEU A 334 -2.75 21.41 -10.26
C LEU A 334 -1.57 22.36 -10.28
N SER A 335 -0.49 22.10 -9.54
CA SER A 335 0.73 22.90 -9.65
C SER A 335 1.59 22.37 -10.79
N VAL A 336 1.37 21.12 -11.19
CA VAL A 336 2.05 20.57 -12.36
C VAL A 336 1.37 21.06 -13.64
N ASN A 337 0.05 21.06 -13.61
CA ASN A 337 -0.77 21.46 -14.77
C ASN A 337 -2.06 22.03 -14.20
N SER A 338 -2.31 23.33 -14.38
CA SER A 338 -3.50 23.95 -13.82
C SER A 338 -4.79 23.70 -14.60
N ASN A 339 -4.74 22.95 -15.69
CA ASN A 339 -5.96 22.68 -16.45
C ASN A 339 -6.85 21.69 -15.69
N LYS A 340 -8.04 22.11 -15.28
CA LYS A 340 -8.91 21.24 -14.49
C LYS A 340 -9.43 20.05 -15.28
N ALA A 341 -9.58 20.17 -16.61
CA ALA A 341 -10.01 19.00 -17.38
C ALA A 341 -8.95 17.91 -17.31
N ASN A 342 -7.66 18.26 -17.34
CA ASN A 342 -6.60 17.25 -17.24
C ASN A 342 -6.64 16.61 -15.86
N LEU A 343 -6.97 17.37 -14.81
CA LEU A 343 -7.10 16.78 -13.47
C LEU A 343 -8.29 15.81 -13.47
N HIS A 344 -9.41 16.22 -14.07
CA HIS A 344 -10.59 15.34 -14.11
C HIS A 344 -10.28 14.04 -14.85
N GLN A 345 -9.48 14.14 -15.92
CA GLN A 345 -9.10 12.95 -16.68
C GLN A 345 -8.23 12.00 -15.87
N ALA A 346 -7.23 12.56 -15.16
CA ALA A 346 -6.33 11.74 -14.34
C ALA A 346 -7.14 11.06 -13.24
N LEU A 347 -8.09 11.78 -12.64
CA LEU A 347 -8.93 11.19 -11.61
C LEU A 347 -9.79 10.06 -12.19
N ALA A 348 -10.39 10.30 -13.37
CA ALA A 348 -11.23 9.25 -13.97
C ALA A 348 -10.38 8.02 -14.28
N PHE A 349 -9.13 8.21 -14.72
CA PHE A 349 -8.24 7.10 -15.00
C PHE A 349 -8.05 6.24 -13.75
N ILE A 350 -7.67 6.82 -12.61
CA ILE A 350 -7.47 5.97 -11.43
C ILE A 350 -8.79 5.47 -10.86
N LEU A 351 -9.87 6.22 -11.01
CA LEU A 351 -11.16 5.74 -10.50
C LEU A 351 -11.66 4.51 -11.26
N THR A 352 -11.26 4.30 -12.51
CA THR A 352 -11.77 3.17 -13.28
C THR A 352 -10.75 2.10 -13.62
N SER A 353 -9.47 2.35 -13.34
CA SER A 353 -8.40 1.41 -13.64
C SER A 353 -8.16 0.40 -12.52
N ARG A 354 -7.36 -0.64 -12.82
CA ARG A 354 -7.14 -1.70 -11.84
C ARG A 354 -6.48 -1.16 -10.58
N GLY A 355 -6.71 -1.88 -9.48
CA GLY A 355 -6.22 -1.41 -8.18
C GLY A 355 -7.27 -0.46 -7.58
N THR A 356 -6.89 0.22 -6.50
CA THR A 356 -7.81 1.10 -5.77
C THR A 356 -7.20 2.49 -5.70
N PRO A 357 -7.94 3.50 -6.08
CA PRO A 357 -7.46 4.87 -6.10
C PRO A 357 -7.38 5.49 -4.73
N SER A 358 -6.30 6.23 -4.48
CA SER A 358 -6.14 7.08 -3.31
C SER A 358 -6.13 8.54 -3.75
N ILE A 359 -7.13 9.29 -3.32
CA ILE A 359 -7.25 10.71 -3.65
C ILE A 359 -6.75 11.54 -2.47
N TYR A 360 -5.77 12.39 -2.76
CA TYR A 360 -5.15 13.24 -1.73
C TYR A 360 -6.16 14.31 -1.31
N TYR A 361 -6.32 14.52 0.00
CA TYR A 361 -7.35 15.46 0.45
C TYR A 361 -7.31 16.78 -0.30
N GLY A 362 -8.50 17.31 -0.59
CA GLY A 362 -8.61 18.63 -1.22
C GLY A 362 -8.43 18.65 -2.73
N THR A 363 -8.10 17.53 -3.36
CA THR A 363 -7.96 17.47 -4.81
C THR A 363 -9.26 17.95 -5.46
N GLU A 364 -10.38 17.50 -4.91
CA GLU A 364 -11.72 17.80 -5.40
C GLU A 364 -12.16 19.22 -5.13
N GLN A 365 -11.40 19.97 -4.31
CA GLN A 365 -11.63 21.37 -4.03
C GLN A 365 -10.61 22.20 -4.80
N TYR A 366 -9.88 21.57 -5.71
CA TYR A 366 -8.89 22.22 -6.56
C TYR A 366 -7.76 22.88 -5.78
N MET A 367 -7.24 22.17 -4.76
CA MET A 367 -6.09 22.71 -4.05
C MET A 367 -4.87 22.63 -4.96
N ALA A 368 -4.01 23.65 -4.87
CA ALA A 368 -2.76 23.60 -5.62
C ALA A 368 -1.63 23.77 -4.61
N GLY A 369 -0.40 23.50 -5.00
CA GLY A 369 0.70 23.72 -4.06
C GLY A 369 1.91 22.91 -4.53
N GLY A 370 3.07 23.54 -4.38
CA GLY A 370 4.32 22.90 -4.76
C GLY A 370 4.67 21.78 -3.79
N ASN A 371 5.94 21.38 -3.78
CA ASN A 371 6.30 20.24 -2.92
C ASN A 371 6.33 20.62 -1.45
N ASP A 372 6.42 19.60 -0.62
CA ASP A 372 6.43 19.67 0.83
C ASP A 372 7.20 20.87 1.34
N PRO A 373 6.58 21.72 2.13
CA PRO A 373 5.29 21.51 2.75
C PRO A 373 4.13 22.21 2.08
N TYR A 374 4.36 22.78 0.89
CA TYR A 374 3.33 23.60 0.24
C TYR A 374 2.19 22.80 -0.37
N ASN A 375 2.32 21.48 -0.38
CA ASN A 375 1.27 20.59 -0.85
C ASN A 375 0.40 20.11 0.32
N ARG A 376 0.60 20.69 1.50
CA ARG A 376 -0.12 20.38 2.72
C ARG A 376 -0.85 21.58 3.27
N GLY A 377 -1.48 22.33 2.37
CA GLY A 377 -2.24 23.52 2.78
C GLY A 377 -3.48 23.11 3.55
N MET A 378 -4.16 24.09 4.16
CA MET A 378 -5.41 23.76 4.85
C MET A 378 -6.52 23.47 3.84
N MET A 379 -7.33 22.45 4.09
CA MET A 379 -8.50 22.18 3.23
C MET A 379 -9.30 23.47 3.20
N PRO A 380 -9.49 24.04 2.02
CA PRO A 380 -10.07 25.36 1.84
C PRO A 380 -11.57 25.50 1.90
N ALA A 381 -12.27 24.42 1.60
CA ALA A 381 -13.73 24.47 1.52
C ALA A 381 -14.25 23.05 1.44
N PHE A 382 -15.55 22.91 1.67
CA PHE A 382 -16.22 21.60 1.64
C PHE A 382 -17.42 21.66 0.69
N ASP A 383 -17.14 22.24 -0.47
CA ASP A 383 -18.16 22.46 -1.51
C ASP A 383 -18.48 21.17 -2.23
N THR A 384 -19.73 20.73 -2.09
CA THR A 384 -20.15 19.47 -2.71
C THR A 384 -20.63 19.66 -4.15
N THR A 385 -20.47 20.84 -4.74
CA THR A 385 -20.95 21.09 -6.09
C THR A 385 -19.84 21.20 -7.13
N THR A 386 -18.57 21.01 -6.73
CA THR A 386 -17.52 21.16 -7.75
C THR A 386 -17.63 20.00 -8.75
N THR A 387 -17.12 20.23 -9.97
CA THR A 387 -17.13 19.18 -10.97
C THR A 387 -16.35 17.96 -10.50
N ALA A 388 -15.18 18.18 -9.89
CA ALA A 388 -14.39 17.07 -9.38
C ALA A 388 -15.13 16.29 -8.29
N PHE A 389 -15.84 16.98 -7.39
CA PHE A 389 -16.59 16.30 -6.34
C PHE A 389 -17.63 15.39 -6.99
N LYS A 390 -18.39 15.95 -7.94
CA LYS A 390 -19.42 15.17 -8.62
C LYS A 390 -18.85 13.98 -9.38
N GLU A 391 -17.71 14.21 -10.02
CA GLU A 391 -17.05 13.13 -10.78
C GLU A 391 -16.65 11.99 -9.86
N VAL A 392 -15.98 12.32 -8.74
CA VAL A 392 -15.53 11.28 -7.82
C VAL A 392 -16.72 10.52 -7.23
N SER A 393 -17.78 11.23 -6.85
CA SER A 393 -18.95 10.58 -6.28
C SER A 393 -19.61 9.63 -7.27
N THR A 394 -19.74 10.08 -8.51
CA THR A 394 -20.36 9.25 -9.55
C THR A 394 -19.52 8.01 -9.86
N LEU A 395 -18.21 8.22 -10.08
CA LEU A 395 -17.35 7.09 -10.42
C LEU A 395 -17.10 6.18 -9.23
N ALA A 396 -17.19 6.72 -8.02
CA ALA A 396 -17.04 5.86 -6.84
C ALA A 396 -18.23 4.89 -6.80
N GLY A 397 -19.43 5.36 -7.16
CA GLY A 397 -20.62 4.49 -7.20
C GLY A 397 -20.46 3.41 -8.26
N LEU A 398 -19.91 3.76 -9.43
CA LEU A 398 -19.68 2.75 -10.46
C LEU A 398 -18.72 1.67 -9.96
N ARG A 399 -17.65 2.10 -9.26
CA ARG A 399 -16.67 1.16 -8.74
C ARG A 399 -17.26 0.27 -7.67
N ARG A 400 -18.21 0.77 -6.88
CA ARG A 400 -18.86 -0.07 -5.88
C ARG A 400 -19.81 -1.08 -6.53
N ASN A 401 -20.47 -0.68 -7.61
CA ASN A 401 -21.51 -1.56 -8.16
C ASN A 401 -21.12 -2.38 -9.38
N ASN A 402 -20.04 -2.06 -10.09
CA ASN A 402 -19.67 -2.85 -11.28
C ASN A 402 -18.39 -3.63 -11.01
N ALA A 403 -18.50 -4.96 -10.95
CA ALA A 403 -17.37 -5.83 -10.66
C ALA A 403 -16.22 -5.75 -11.63
N ALA A 404 -16.44 -5.28 -12.86
CA ALA A 404 -15.34 -5.10 -13.80
C ALA A 404 -14.31 -4.09 -13.29
N ILE A 405 -14.73 -3.06 -12.58
CA ILE A 405 -13.77 -2.07 -12.07
C ILE A 405 -12.96 -2.67 -10.93
N GLN A 406 -13.62 -3.50 -10.12
CA GLN A 406 -12.98 -4.08 -8.94
C GLN A 406 -11.97 -5.15 -9.28
N TYR A 407 -12.34 -6.05 -10.22
CA TYR A 407 -11.57 -7.25 -10.48
C TYR A 407 -11.15 -7.51 -11.91
N GLY A 408 -11.65 -6.71 -12.84
CA GLY A 408 -11.49 -6.98 -14.24
C GLY A 408 -10.12 -6.92 -14.88
N THR A 409 -10.05 -7.57 -16.04
CA THR A 409 -8.89 -7.44 -16.93
C THR A 409 -8.89 -6.01 -17.49
N THR A 410 -7.81 -5.63 -18.15
CA THR A 410 -7.73 -4.33 -18.81
C THR A 410 -7.27 -4.59 -20.26
N THR A 411 -8.03 -4.07 -21.20
CA THR A 411 -7.75 -4.27 -22.62
C THR A 411 -7.78 -2.94 -23.36
N GLN A 412 -6.71 -2.65 -24.09
CA GLN A 412 -6.66 -1.42 -24.90
C GLN A 412 -7.59 -1.60 -26.11
N ARG A 413 -8.47 -0.63 -26.33
CA ARG A 413 -9.40 -0.70 -27.44
C ARG A 413 -9.18 0.38 -28.49
N TRP A 414 -8.57 1.49 -28.14
CA TRP A 414 -8.29 2.55 -29.12
C TRP A 414 -7.22 3.45 -28.51
N ILE A 415 -6.21 3.80 -29.28
CA ILE A 415 -5.14 4.63 -28.73
C ILE A 415 -4.41 5.46 -29.78
N ASN A 416 -4.04 6.64 -29.34
CA ASN A 416 -3.14 7.51 -30.10
C ASN A 416 -2.40 8.31 -29.03
N ASN A 417 -1.65 9.35 -29.36
CA ASN A 417 -0.89 10.04 -28.31
C ASN A 417 -1.77 10.64 -27.23
N ASP A 418 -2.96 11.12 -27.63
CA ASP A 418 -3.85 11.83 -26.74
C ASP A 418 -5.03 11.04 -26.20
N VAL A 419 -5.43 9.99 -26.91
CA VAL A 419 -6.63 9.26 -26.56
C VAL A 419 -6.33 7.85 -26.10
N TYR A 420 -6.99 7.44 -25.01
CA TYR A 420 -6.88 6.09 -24.49
C TYR A 420 -8.28 5.56 -24.21
N ILE A 421 -8.70 4.56 -24.99
CA ILE A 421 -9.99 3.91 -24.73
C ILE A 421 -9.64 2.49 -24.29
N TYR A 422 -9.97 2.17 -23.03
CA TYR A 422 -9.64 0.85 -22.50
C TYR A 422 -10.89 0.22 -21.89
N GLU A 423 -10.82 -1.10 -21.72
CA GLU A 423 -11.99 -1.83 -21.25
C GLU A 423 -11.67 -2.74 -20.08
N ARG A 424 -12.50 -2.65 -19.04
CA ARG A 424 -12.37 -3.55 -17.88
C ARG A 424 -13.43 -4.64 -18.08
N LYS A 425 -13.12 -5.89 -17.77
CA LYS A 425 -14.11 -6.95 -17.92
C LYS A 425 -13.95 -8.01 -16.84
N PHE A 426 -15.03 -8.34 -16.16
CA PHE A 426 -15.05 -9.42 -15.18
C PHE A 426 -16.24 -10.31 -15.55
N PHE A 427 -15.95 -11.40 -16.24
CA PHE A 427 -17.03 -12.29 -16.74
C PHE A 427 -18.03 -11.49 -17.55
N ASN A 428 -19.28 -11.32 -17.13
CA ASN A 428 -20.23 -10.58 -17.95
C ASN A 428 -20.25 -9.07 -17.68
N ASP A 429 -19.55 -8.59 -16.67
CA ASP A 429 -19.54 -7.17 -16.36
C ASP A 429 -18.46 -6.47 -17.17
N VAL A 430 -18.83 -5.37 -17.82
CA VAL A 430 -17.91 -4.67 -18.71
C VAL A 430 -17.98 -3.16 -18.51
N VAL A 431 -16.86 -2.46 -18.51
CA VAL A 431 -16.85 -1.00 -18.42
C VAL A 431 -15.87 -0.51 -19.51
N LEU A 432 -16.36 0.29 -20.45
CA LEU A 432 -15.51 0.84 -21.51
C LEU A 432 -15.29 2.32 -21.19
N VAL A 433 -14.02 2.73 -21.11
CA VAL A 433 -13.69 4.10 -20.70
C VAL A 433 -12.92 4.82 -21.80
N ALA A 434 -13.38 5.99 -22.23
CA ALA A 434 -12.64 6.77 -23.21
C ALA A 434 -12.13 8.05 -22.57
N ILE A 435 -10.85 8.34 -22.76
CA ILE A 435 -10.23 9.54 -22.21
C ILE A 435 -9.43 10.24 -23.31
N ASN A 436 -9.76 11.51 -23.52
CA ASN A 436 -9.04 12.35 -24.46
C ASN A 436 -8.32 13.42 -23.64
N ARG A 437 -6.99 13.37 -23.56
CA ARG A 437 -6.33 14.39 -22.73
C ARG A 437 -6.24 15.74 -23.44
N ASN A 438 -6.36 15.78 -24.76
CA ASN A 438 -6.18 17.04 -25.48
C ASN A 438 -7.40 17.93 -25.31
N THR A 439 -7.23 19.06 -24.62
CA THR A 439 -8.35 19.95 -24.32
C THR A 439 -8.67 20.90 -25.48
N GLN A 440 -7.90 20.81 -26.56
CA GLN A 440 -8.17 21.68 -27.70
C GLN A 440 -8.55 20.89 -28.95
N SER A 441 -8.51 19.56 -28.90
CA SER A 441 -8.84 18.78 -30.09
C SER A 441 -9.92 17.73 -29.85
N SER A 442 -10.83 17.58 -30.82
CA SER A 442 -11.80 16.50 -30.78
C SER A 442 -11.21 15.39 -31.67
N TYR A 443 -11.59 14.15 -31.45
CA TYR A 443 -11.10 13.07 -32.32
C TYR A 443 -12.29 12.26 -32.83
N SER A 444 -12.29 11.95 -34.12
CA SER A 444 -13.28 11.02 -34.69
C SER A 444 -12.84 9.59 -34.32
N ILE A 445 -13.67 8.84 -33.63
CA ILE A 445 -13.32 7.48 -33.23
C ILE A 445 -14.05 6.45 -34.09
N SER A 446 -13.30 5.79 -34.97
CA SER A 446 -13.85 4.71 -35.79
C SER A 446 -13.03 3.43 -35.55
N GLY A 447 -13.66 2.29 -35.78
CA GLY A 447 -13.00 1.00 -35.63
C GLY A 447 -12.94 0.53 -34.18
N LEU A 448 -13.71 1.18 -33.30
CA LEU A 448 -13.68 0.77 -31.88
C LEU A 448 -14.51 -0.48 -31.67
N GLN A 449 -13.89 -1.48 -31.05
CA GLN A 449 -14.51 -2.75 -30.71
C GLN A 449 -14.68 -2.84 -29.19
N THR A 450 -15.61 -3.69 -28.78
CA THR A 450 -15.96 -3.78 -27.37
C THR A 450 -16.60 -5.12 -27.03
N ALA A 451 -16.56 -5.44 -25.73
CA ALA A 451 -17.23 -6.62 -25.20
C ALA A 451 -18.61 -6.27 -24.66
N LEU A 452 -19.00 -4.98 -24.73
CA LEU A 452 -20.35 -4.63 -24.29
C LEU A 452 -21.37 -5.37 -25.16
N PRO A 453 -22.46 -5.77 -24.55
CA PRO A 453 -23.60 -6.36 -25.26
C PRO A 453 -24.26 -5.32 -26.14
N ASN A 454 -25.00 -5.80 -27.15
CA ASN A 454 -25.70 -4.92 -28.07
C ASN A 454 -26.59 -3.92 -27.34
N GLY A 455 -26.65 -2.70 -27.90
CA GLY A 455 -27.53 -1.69 -27.32
C GLY A 455 -26.93 -0.29 -27.41
N SER A 456 -27.72 0.66 -26.93
CA SER A 456 -27.31 2.06 -26.84
C SER A 456 -26.90 2.36 -25.40
N TYR A 457 -25.74 3.01 -25.24
CA TYR A 457 -25.25 3.30 -23.91
C TYR A 457 -25.08 4.81 -23.70
N ALA A 458 -25.69 5.34 -22.64
CA ALA A 458 -25.46 6.75 -22.35
C ALA A 458 -24.16 6.85 -21.55
N ASP A 459 -23.53 8.01 -21.59
CA ASP A 459 -22.32 8.21 -20.79
C ASP A 459 -22.74 8.08 -19.33
N TYR A 460 -22.04 7.27 -18.56
CA TYR A 460 -22.36 7.09 -17.13
C TYR A 460 -22.18 8.38 -16.35
N LEU A 461 -21.32 9.27 -16.82
CA LEU A 461 -21.10 10.59 -16.23
C LEU A 461 -22.10 11.62 -16.69
N SER A 462 -23.07 11.28 -17.52
CA SER A 462 -24.11 12.20 -17.99
C SER A 462 -23.57 13.47 -18.65
N GLY A 463 -22.44 13.36 -19.35
CA GLY A 463 -21.83 14.51 -20.03
C GLY A 463 -21.13 15.46 -19.10
N LEU A 464 -20.93 15.12 -17.83
CA LEU A 464 -20.23 16.01 -16.90
C LEU A 464 -18.86 16.42 -17.44
N LEU A 465 -18.13 15.45 -17.99
CA LEU A 465 -16.78 15.70 -18.52
C LEU A 465 -16.74 15.65 -20.03
N GLY A 466 -17.85 16.04 -20.68
CA GLY A 466 -17.90 16.10 -22.14
C GLY A 466 -18.21 14.79 -22.82
N GLY A 467 -18.62 13.76 -22.08
CA GLY A 467 -18.92 12.44 -22.62
C GLY A 467 -20.15 12.40 -23.52
N ASN A 468 -20.28 11.31 -24.27
CA ASN A 468 -21.36 11.16 -25.24
C ASN A 468 -21.92 9.74 -25.16
N GLY A 469 -23.03 9.52 -25.84
CA GLY A 469 -23.63 8.18 -25.88
C GLY A 469 -23.05 7.42 -27.06
N ILE A 470 -23.13 6.09 -27.02
CA ILE A 470 -22.64 5.26 -28.11
C ILE A 470 -23.69 4.20 -28.45
N SER A 471 -23.51 3.59 -29.61
CA SER A 471 -24.37 2.51 -30.07
C SER A 471 -23.49 1.30 -30.37
N VAL A 472 -23.82 0.14 -29.81
CA VAL A 472 -23.04 -1.07 -29.97
C VAL A 472 -23.80 -2.14 -30.74
N SER A 473 -23.15 -2.71 -31.73
CA SER A 473 -23.78 -3.81 -32.49
C SER A 473 -22.74 -4.87 -32.78
N ASN A 474 -22.96 -6.07 -32.27
CA ASN A 474 -22.07 -7.21 -32.50
C ASN A 474 -20.60 -6.90 -32.27
N GLY A 475 -20.29 -6.28 -31.12
CA GLY A 475 -18.93 -5.99 -30.72
C GLY A 475 -18.33 -4.73 -31.32
N SER A 476 -19.09 -4.00 -32.14
CA SER A 476 -18.58 -2.82 -32.81
C SER A 476 -19.32 -1.57 -32.32
N VAL A 477 -18.55 -0.53 -32.02
CA VAL A 477 -19.12 0.74 -31.58
C VAL A 477 -19.25 1.65 -32.82
N ALA A 478 -20.45 2.15 -33.06
CA ALA A 478 -20.62 3.04 -34.23
C ALA A 478 -19.69 4.24 -34.12
N SER A 479 -19.16 4.73 -35.23
CA SER A 479 -18.24 5.87 -35.18
C SER A 479 -18.86 7.07 -34.49
N PHE A 480 -18.06 7.78 -33.70
CA PHE A 480 -18.52 8.93 -32.92
C PHE A 480 -17.37 9.92 -32.75
N THR A 481 -17.72 11.11 -32.30
CA THR A 481 -16.71 12.14 -32.04
C THR A 481 -16.45 12.22 -30.53
N LEU A 482 -15.18 12.11 -30.15
CA LEU A 482 -14.82 12.27 -28.74
C LEU A 482 -14.42 13.72 -28.56
N ALA A 483 -15.16 14.46 -27.74
CA ALA A 483 -14.96 15.90 -27.54
C ALA A 483 -13.63 16.25 -26.91
N PRO A 484 -13.23 17.50 -27.01
CA PRO A 484 -11.97 18.00 -26.48
C PRO A 484 -11.89 17.80 -24.98
N GLY A 485 -10.84 17.11 -24.53
CA GLY A 485 -10.61 16.88 -23.11
C GLY A 485 -11.64 15.95 -22.47
N ALA A 486 -12.40 15.21 -23.26
CA ALA A 486 -13.50 14.45 -22.67
C ALA A 486 -13.11 13.15 -22.01
N VAL A 487 -14.00 12.76 -21.09
CA VAL A 487 -13.99 11.47 -20.42
C VAL A 487 -15.42 10.92 -20.64
N SER A 488 -15.53 9.73 -21.21
CA SER A 488 -16.87 9.15 -21.40
C SER A 488 -16.82 7.70 -20.91
N VAL A 489 -17.86 7.24 -20.22
CA VAL A 489 -17.80 5.90 -19.62
C VAL A 489 -19.08 5.14 -19.94
N TRP A 490 -18.92 3.93 -20.46
CA TRP A 490 -20.10 3.13 -20.84
C TRP A 490 -20.01 1.79 -20.11
N GLN A 491 -21.09 1.43 -19.42
CA GLN A 491 -21.00 0.22 -18.61
C GLN A 491 -22.19 -0.72 -18.71
N TYR A 492 -21.90 -1.98 -18.41
CA TYR A 492 -22.91 -3.03 -18.37
C TYR A 492 -22.64 -3.95 -17.18
N SER A 493 -23.67 -4.30 -16.44
CA SER A 493 -23.47 -5.26 -15.34
C SER A 493 -24.72 -6.13 -15.22
N THR A 494 -24.48 -7.36 -14.77
CA THR A 494 -25.64 -8.26 -14.62
C THR A 494 -25.31 -9.32 -13.58
N SER A 495 -26.34 -9.99 -13.07
CA SER A 495 -26.09 -11.05 -12.09
C SER A 495 -25.35 -12.21 -12.73
N ALA A 496 -24.58 -12.91 -11.91
CA ALA A 496 -23.81 -14.07 -12.34
C ALA A 496 -24.63 -15.34 -12.20
N SER A 497 -24.43 -16.29 -13.12
CA SER A 497 -25.15 -17.55 -13.06
C SER A 497 -24.28 -18.68 -12.52
N ALA A 498 -23.04 -18.37 -12.17
CA ALA A 498 -22.09 -19.34 -11.61
C ALA A 498 -21.17 -18.57 -10.68
N PRO A 499 -20.48 -19.24 -9.77
CA PRO A 499 -19.59 -18.60 -8.81
C PRO A 499 -18.36 -18.03 -9.48
N GLN A 500 -18.09 -16.75 -9.19
CA GLN A 500 -17.00 -16.02 -9.80
C GLN A 500 -16.19 -15.31 -8.70
N ILE A 501 -14.96 -15.75 -8.50
CA ILE A 501 -14.14 -15.12 -7.46
C ILE A 501 -13.42 -13.89 -8.03
N GLY A 502 -13.60 -12.74 -7.37
CA GLY A 502 -12.86 -11.56 -7.84
C GLY A 502 -11.63 -11.37 -6.94
N SER A 503 -11.77 -11.75 -5.67
CA SER A 503 -10.68 -11.49 -4.72
C SER A 503 -10.70 -12.52 -3.59
N VAL A 504 -9.51 -12.91 -3.17
CA VAL A 504 -9.33 -13.62 -1.91
C VAL A 504 -8.33 -12.75 -1.10
N ALA A 505 -8.71 -12.32 0.09
CA ALA A 505 -7.78 -11.45 0.83
C ALA A 505 -7.90 -11.72 2.31
N PRO A 506 -6.88 -11.47 3.10
CA PRO A 506 -5.52 -11.17 2.71
C PRO A 506 -4.92 -12.27 1.86
N ASN A 507 -3.69 -12.06 1.36
CA ASN A 507 -3.06 -13.05 0.49
C ASN A 507 -2.12 -14.00 1.22
N MET A 508 -2.03 -13.86 2.53
CA MET A 508 -1.11 -14.69 3.31
C MET A 508 -1.67 -14.89 4.71
N GLY A 509 -1.33 -16.00 5.35
CA GLY A 509 -1.81 -16.19 6.72
C GLY A 509 -1.51 -17.61 7.19
N ILE A 510 -1.99 -17.93 8.39
CA ILE A 510 -1.80 -19.28 8.93
C ILE A 510 -3.18 -19.91 9.14
N PRO A 511 -3.21 -21.21 9.33
CA PRO A 511 -4.42 -21.95 9.64
C PRO A 511 -5.18 -21.27 10.77
N GLY A 512 -6.50 -21.11 10.61
CA GLY A 512 -7.32 -20.46 11.61
C GLY A 512 -7.64 -19.00 11.34
N ASN A 513 -6.82 -18.32 10.52
CA ASN A 513 -7.12 -16.94 10.19
C ASN A 513 -8.42 -16.82 9.39
N VAL A 514 -9.07 -15.66 9.53
CA VAL A 514 -10.28 -15.39 8.73
C VAL A 514 -9.82 -14.80 7.39
N VAL A 515 -10.30 -15.36 6.30
CA VAL A 515 -9.99 -14.93 4.93
C VAL A 515 -11.30 -14.64 4.23
N THR A 516 -11.34 -13.58 3.40
CA THR A 516 -12.59 -13.21 2.75
C THR A 516 -12.51 -13.38 1.24
N ILE A 517 -13.54 -14.05 0.71
CA ILE A 517 -13.66 -14.25 -0.73
C ILE A 517 -14.73 -13.31 -1.25
N ASP A 518 -14.36 -12.36 -2.11
CA ASP A 518 -15.32 -11.40 -2.65
C ASP A 518 -15.54 -11.73 -4.12
N GLY A 519 -16.81 -11.67 -4.55
CA GLY A 519 -17.05 -11.98 -5.96
C GLY A 519 -18.55 -11.89 -6.24
N LYS A 520 -19.00 -12.79 -7.11
CA LYS A 520 -20.41 -12.81 -7.53
C LYS A 520 -20.88 -14.25 -7.74
N GLY A 521 -22.19 -14.45 -7.73
CA GLY A 521 -22.73 -15.76 -8.09
C GLY A 521 -22.55 -16.87 -7.07
N PHE A 522 -22.33 -16.52 -5.80
CA PHE A 522 -22.14 -17.54 -4.78
C PHE A 522 -23.49 -18.09 -4.28
N GLY A 523 -24.58 -17.40 -4.52
CA GLY A 523 -25.89 -17.86 -4.04
C GLY A 523 -26.08 -17.49 -2.57
N THR A 524 -27.34 -17.60 -2.09
CA THR A 524 -27.63 -17.27 -0.71
C THR A 524 -27.51 -18.53 0.16
N THR A 525 -27.63 -19.68 -0.46
CA THR A 525 -27.51 -20.96 0.24
C THR A 525 -26.05 -21.37 0.34
N GLN A 526 -25.60 -21.70 1.53
CA GLN A 526 -24.19 -22.04 1.74
C GLN A 526 -23.75 -23.24 0.90
N GLY A 527 -22.66 -23.04 0.15
CA GLY A 527 -22.08 -24.12 -0.65
C GLY A 527 -20.78 -24.56 0.05
N THR A 528 -19.71 -24.77 -0.71
CA THR A 528 -18.44 -25.18 -0.13
C THR A 528 -17.27 -24.35 -0.69
N VAL A 529 -16.22 -24.27 0.11
CA VAL A 529 -14.99 -23.58 -0.26
C VAL A 529 -13.83 -24.55 0.00
N THR A 530 -12.91 -24.66 -0.95
CA THR A 530 -11.74 -25.50 -0.71
C THR A 530 -10.46 -24.69 -0.91
N PHE A 531 -9.41 -25.07 -0.21
CA PHE A 531 -8.07 -24.54 -0.38
C PHE A 531 -7.23 -25.73 -0.84
N GLY A 532 -6.82 -25.76 -2.09
CA GLY A 532 -6.04 -26.89 -2.61
C GLY A 532 -6.81 -28.21 -2.47
N GLY A 533 -8.13 -28.17 -2.59
CA GLY A 533 -8.97 -29.36 -2.44
C GLY A 533 -9.40 -29.65 -1.02
N VAL A 534 -8.85 -28.95 -0.02
CA VAL A 534 -9.19 -29.14 1.36
C VAL A 534 -10.38 -28.28 1.78
N THR A 535 -11.45 -28.90 2.29
CA THR A 535 -12.64 -28.14 2.68
C THR A 535 -12.35 -27.19 3.83
N ALA A 536 -12.81 -25.94 3.67
CA ALA A 536 -12.61 -24.92 4.70
C ALA A 536 -13.91 -24.68 5.47
N THR A 537 -13.81 -24.38 6.75
CA THR A 537 -14.98 -24.06 7.55
C THR A 537 -15.49 -22.68 7.19
N VAL A 538 -16.77 -22.58 6.87
CA VAL A 538 -17.37 -21.30 6.47
C VAL A 538 -17.81 -20.51 7.69
N LYS A 539 -17.40 -19.25 7.79
CA LYS A 539 -17.83 -18.35 8.84
C LYS A 539 -19.13 -17.65 8.46
N SER A 540 -19.20 -17.20 7.21
CA SER A 540 -20.41 -16.54 6.70
C SER A 540 -20.49 -16.71 5.18
N TRP A 541 -21.69 -16.68 4.65
CA TRP A 541 -21.89 -16.91 3.21
C TRP A 541 -22.99 -16.00 2.69
N THR A 542 -22.65 -15.17 1.71
CA THR A 542 -23.60 -14.33 1.00
C THR A 542 -23.33 -14.49 -0.48
N SER A 543 -24.19 -13.91 -1.32
CA SER A 543 -24.05 -14.00 -2.76
C SER A 543 -22.74 -13.41 -3.27
N ASN A 544 -22.24 -12.37 -2.62
CA ASN A 544 -21.03 -11.69 -3.08
C ASN A 544 -19.85 -11.80 -2.14
N ARG A 545 -20.03 -12.40 -0.96
CA ARG A 545 -18.90 -12.46 -0.02
C ARG A 545 -18.98 -13.69 0.88
N ILE A 546 -17.86 -14.40 0.96
CA ILE A 546 -17.78 -15.58 1.83
C ILE A 546 -16.60 -15.36 2.79
N GLU A 547 -16.82 -15.59 4.07
CA GLU A 547 -15.71 -15.59 5.03
C GLU A 547 -15.43 -17.03 5.44
N VAL A 548 -14.17 -17.43 5.43
CA VAL A 548 -13.77 -18.77 5.81
C VAL A 548 -12.59 -18.74 6.78
N TYR A 549 -12.35 -19.88 7.43
CA TYR A 549 -11.18 -20.02 8.28
C TYR A 549 -10.16 -20.83 7.48
N VAL A 550 -8.91 -20.40 7.42
CA VAL A 550 -7.90 -21.19 6.72
C VAL A 550 -7.81 -22.56 7.39
N PRO A 551 -7.87 -23.60 6.58
CA PRO A 551 -7.81 -24.97 7.09
C PRO A 551 -6.45 -25.28 7.69
N ASN A 552 -6.42 -26.27 8.58
CA ASN A 552 -5.18 -26.76 9.18
C ASN A 552 -4.50 -27.71 8.20
N MET A 553 -3.95 -27.19 7.13
CA MET A 553 -3.36 -27.95 6.06
C MET A 553 -1.90 -27.59 5.85
N ALA A 554 -1.24 -28.32 4.96
CA ALA A 554 0.17 -28.11 4.68
C ALA A 554 0.42 -26.68 4.18
N ALA A 555 1.59 -26.13 4.47
CA ALA A 555 1.93 -24.78 4.05
C ALA A 555 2.35 -24.67 2.60
N GLY A 556 2.18 -23.46 2.06
CA GLY A 556 2.56 -23.21 0.66
C GLY A 556 1.46 -22.43 -0.06
N LEU A 557 1.77 -21.98 -1.26
CA LEU A 557 0.76 -21.26 -2.06
C LEU A 557 -0.26 -22.29 -2.56
N THR A 558 -1.53 -22.00 -2.32
CA THR A 558 -2.57 -22.95 -2.71
C THR A 558 -3.72 -22.24 -3.41
N ASP A 559 -4.59 -23.00 -4.09
CA ASP A 559 -5.71 -22.39 -4.78
C ASP A 559 -7.04 -22.49 -4.03
N VAL A 560 -7.71 -21.35 -3.93
CA VAL A 560 -9.02 -21.27 -3.30
C VAL A 560 -10.08 -21.41 -4.40
N LYS A 561 -11.11 -22.19 -4.10
CA LYS A 561 -12.18 -22.45 -5.06
C LYS A 561 -13.53 -22.49 -4.33
N VAL A 562 -14.53 -21.86 -4.93
CA VAL A 562 -15.88 -21.83 -4.38
C VAL A 562 -16.76 -22.76 -5.20
N THR A 563 -17.56 -23.56 -4.50
CA THR A 563 -18.51 -24.44 -5.22
C THR A 563 -19.92 -24.06 -4.78
N ALA A 564 -20.74 -23.67 -5.75
CA ALA A 564 -22.10 -23.23 -5.46
C ALA A 564 -23.06 -23.87 -6.46
N GLY A 565 -24.06 -24.57 -5.94
CA GLY A 565 -24.99 -25.33 -6.78
C GLY A 565 -24.31 -26.41 -7.59
N GLY A 566 -23.24 -27.02 -7.07
CA GLY A 566 -22.48 -28.04 -7.76
C GLY A 566 -21.52 -27.53 -8.81
N VAL A 567 -21.45 -26.23 -9.06
CA VAL A 567 -20.58 -25.64 -10.07
C VAL A 567 -19.38 -24.98 -9.39
N SER A 568 -18.19 -25.21 -9.90
CA SER A 568 -17.02 -24.62 -9.25
C SER A 568 -16.57 -23.34 -9.95
N SER A 569 -16.00 -22.46 -9.13
CA SER A 569 -15.51 -21.18 -9.61
C SER A 569 -14.11 -21.27 -10.20
N ASN A 570 -13.65 -20.10 -10.64
CA ASN A 570 -12.27 -19.90 -11.04
C ASN A 570 -11.44 -19.99 -9.74
N LEU A 571 -10.14 -20.15 -9.89
CA LEU A 571 -9.26 -20.32 -8.73
C LEU A 571 -8.55 -19.02 -8.37
N TYR A 572 -8.23 -18.87 -7.09
CA TYR A 572 -7.48 -17.68 -6.67
C TYR A 572 -6.45 -18.14 -5.63
N SER A 573 -5.20 -17.74 -5.77
CA SER A 573 -4.13 -18.19 -4.88
C SER A 573 -4.19 -17.58 -3.48
N TYR A 574 -3.56 -18.28 -2.54
CA TYR A 574 -3.47 -17.82 -1.16
C TYR A 574 -2.22 -18.48 -0.56
N ASN A 575 -1.41 -17.71 0.16
CA ASN A 575 -0.16 -18.27 0.70
C ASN A 575 -0.27 -18.67 2.17
N ILE A 576 -0.34 -19.99 2.41
CA ILE A 576 -0.41 -20.49 3.79
C ILE A 576 0.99 -20.63 4.36
N LEU A 577 1.26 -19.89 5.43
CA LEU A 577 2.56 -19.94 6.11
C LEU A 577 2.68 -21.21 6.94
N SER A 578 3.90 -21.50 7.36
CA SER A 578 4.17 -22.70 8.16
C SER A 578 3.86 -22.55 9.64
N GLY A 579 3.45 -21.37 10.06
CA GLY A 579 3.10 -21.07 11.46
C GLY A 579 3.40 -19.60 11.76
N THR A 580 3.10 -19.18 12.98
CA THR A 580 3.38 -17.77 13.34
C THR A 580 4.85 -17.52 13.04
N GLN A 581 5.17 -16.33 12.51
CA GLN A 581 6.52 -16.05 12.05
C GLN A 581 7.42 -15.35 13.08
N THR A 582 8.72 -15.46 12.81
CA THR A 582 9.73 -14.68 13.52
C THR A 582 10.64 -14.07 12.46
N SER A 583 11.22 -12.90 12.73
CA SER A 583 12.05 -12.18 11.75
C SER A 583 13.51 -12.39 12.13
N VAL A 584 14.21 -13.13 11.28
CA VAL A 584 15.54 -13.64 11.64
C VAL A 584 16.66 -13.14 10.75
N VAL A 585 17.72 -12.61 11.37
CA VAL A 585 18.90 -12.19 10.63
C VAL A 585 19.69 -13.45 10.27
N PHE A 586 19.76 -13.78 8.99
CA PHE A 586 20.54 -14.92 8.54
C PHE A 586 21.89 -14.38 8.04
N THR A 587 22.98 -14.85 8.63
CA THR A 587 24.31 -14.43 8.20
C THR A 587 25.11 -15.64 7.73
N VAL A 588 25.81 -15.52 6.61
CA VAL A 588 26.68 -16.60 6.15
C VAL A 588 28.10 -16.01 6.05
N LYS A 589 28.98 -16.53 6.90
CA LYS A 589 30.35 -16.04 6.96
C LYS A 589 31.31 -16.65 5.94
N SER A 590 32.28 -15.84 5.53
CA SER A 590 33.35 -16.29 4.64
C SER A 590 32.89 -16.99 3.37
N ALA A 591 32.01 -16.31 2.63
CA ALA A 591 31.52 -16.87 1.37
C ALA A 591 32.62 -16.67 0.34
N PRO A 592 32.56 -17.38 -0.77
CA PRO A 592 33.54 -17.33 -1.84
C PRO A 592 33.54 -15.94 -2.48
N PRO A 593 34.66 -15.55 -3.06
CA PRO A 593 34.80 -14.25 -3.71
C PRO A 593 33.76 -14.06 -4.79
N THR A 594 33.21 -12.85 -4.89
CA THR A 594 32.21 -12.56 -5.91
C THR A 594 32.65 -11.35 -6.73
N ASN A 595 32.06 -11.21 -7.91
CA ASN A 595 32.28 -10.06 -8.77
C ASN A 595 30.99 -9.24 -8.85
N LEU A 596 31.13 -8.02 -9.36
CA LEU A 596 29.99 -7.12 -9.52
C LEU A 596 28.84 -7.84 -10.21
N GLY A 597 27.65 -7.79 -9.61
CA GLY A 597 26.49 -8.43 -10.20
C GLY A 597 26.19 -9.80 -9.58
N ASP A 598 27.20 -10.45 -8.99
CA ASP A 598 26.97 -11.74 -8.35
C ASP A 598 26.26 -11.49 -7.02
N LYS A 599 25.26 -12.28 -6.66
CA LYS A 599 24.59 -12.05 -5.38
C LYS A 599 24.30 -13.40 -4.72
N ILE A 600 24.27 -13.41 -3.41
CA ILE A 600 24.01 -14.63 -2.65
C ILE A 600 22.55 -14.65 -2.19
N TYR A 601 21.95 -15.82 -2.29
CA TYR A 601 20.57 -16.05 -1.90
C TYR A 601 20.51 -17.20 -0.90
N LEU A 602 19.40 -17.27 -0.19
CA LEU A 602 19.11 -18.30 0.81
C LEU A 602 17.96 -19.19 0.33
N THR A 603 18.07 -20.51 0.52
CA THR A 603 16.97 -21.39 0.09
C THR A 603 16.89 -22.55 1.07
N GLY A 604 15.71 -23.13 1.26
CA GLY A 604 15.61 -24.17 2.29
C GLY A 604 14.32 -24.96 2.19
N ASN A 605 14.08 -25.79 3.21
CA ASN A 605 13.02 -26.80 3.12
C ASN A 605 11.65 -26.40 3.60
N ILE A 606 11.28 -25.13 3.47
CA ILE A 606 9.95 -24.64 3.84
C ILE A 606 9.61 -23.58 2.79
N PRO A 607 8.35 -23.30 2.55
CA PRO A 607 7.90 -22.34 1.55
C PRO A 607 8.39 -20.93 1.83
N GLU A 608 8.57 -20.58 3.11
CA GLU A 608 9.15 -19.29 3.50
C GLU A 608 10.56 -19.12 2.95
N LEU A 609 11.28 -20.21 2.75
CA LEU A 609 12.63 -20.21 2.20
C LEU A 609 12.68 -20.81 0.81
N GLY A 610 11.54 -20.88 0.12
CA GLY A 610 11.50 -21.30 -1.26
C GLY A 610 11.47 -22.76 -1.61
N ASN A 611 11.39 -23.67 -0.65
CA ASN A 611 11.38 -25.10 -0.91
C ASN A 611 12.47 -25.50 -1.91
N TRP A 612 13.69 -25.07 -1.63
CA TRP A 612 14.89 -25.36 -2.39
C TRP A 612 14.98 -24.76 -3.79
N SER A 613 14.12 -23.78 -4.11
CA SER A 613 14.17 -23.12 -5.39
C SER A 613 15.46 -22.31 -5.54
N THR A 614 15.93 -22.16 -6.78
CA THR A 614 17.03 -21.24 -7.06
C THR A 614 16.51 -20.11 -7.96
N ASP A 615 15.19 -20.06 -8.12
CA ASP A 615 14.56 -19.01 -8.92
C ASP A 615 14.57 -17.71 -8.13
N THR A 616 14.92 -16.59 -8.77
CA THR A 616 15.03 -15.30 -8.09
C THR A 616 14.16 -14.24 -8.74
N SER A 617 13.14 -14.69 -9.47
CA SER A 617 12.20 -13.79 -10.13
C SER A 617 11.17 -13.26 -9.15
N GLY A 618 10.11 -12.63 -9.69
CA GLY A 618 9.02 -12.11 -8.87
C GLY A 618 8.01 -13.14 -8.40
N ALA A 619 8.27 -14.44 -8.62
CA ALA A 619 7.37 -15.49 -8.17
C ALA A 619 7.27 -15.52 -6.64
N VAL A 620 6.23 -16.20 -6.18
CA VAL A 620 5.98 -16.36 -4.75
C VAL A 620 6.72 -17.58 -4.22
N ASN A 621 7.30 -17.45 -3.03
CA ASN A 621 8.02 -18.52 -2.37
C ASN A 621 9.12 -19.18 -3.19
N ASN A 622 10.03 -18.37 -3.73
CA ASN A 622 11.19 -18.87 -4.45
C ASN A 622 12.42 -18.55 -3.61
N ALA A 623 13.63 -18.50 -4.16
CA ALA A 623 14.81 -18.24 -3.33
C ALA A 623 14.69 -16.90 -2.63
N GLN A 624 15.20 -16.83 -1.41
CA GLN A 624 15.13 -15.62 -0.59
C GLN A 624 16.37 -14.75 -0.70
N GLY A 625 16.12 -13.45 -0.82
CA GLY A 625 17.31 -12.59 -1.01
C GLY A 625 17.05 -11.47 -2.00
N PRO A 626 18.14 -10.89 -2.48
CA PRO A 626 19.49 -11.32 -2.21
C PRO A 626 20.01 -10.86 -0.86
N LEU A 627 21.12 -11.48 -0.42
CA LEU A 627 21.72 -11.04 0.84
C LEU A 627 22.56 -9.80 0.52
N LEU A 628 22.90 -9.05 1.54
CA LEU A 628 23.75 -7.86 1.41
C LEU A 628 25.15 -8.15 1.93
N ALA A 629 26.13 -7.30 1.63
CA ALA A 629 27.47 -7.61 2.14
C ALA A 629 28.29 -6.44 2.59
N PRO A 630 27.83 -5.72 3.58
CA PRO A 630 28.56 -4.63 4.22
C PRO A 630 29.83 -5.17 4.88
N ASN A 631 29.79 -6.41 5.37
CA ASN A 631 30.92 -7.05 5.99
C ASN A 631 31.53 -8.13 5.11
N TYR A 632 31.56 -7.92 3.80
CA TYR A 632 32.12 -8.86 2.82
C TYR A 632 33.48 -9.32 3.32
N PRO A 633 33.79 -10.60 3.23
CA PRO A 633 33.11 -11.68 2.59
C PRO A 633 31.96 -12.37 3.30
N ASP A 634 31.50 -11.75 4.39
CA ASP A 634 30.31 -12.21 5.08
C ASP A 634 29.09 -11.49 4.48
N TRP A 635 28.01 -12.27 4.34
CA TRP A 635 26.77 -11.75 3.76
C TRP A 635 25.61 -11.94 4.75
N PHE A 636 24.59 -11.08 4.69
CA PHE A 636 23.47 -11.25 5.62
C PHE A 636 22.21 -10.62 5.02
N TYR A 637 21.06 -11.06 5.50
CA TYR A 637 19.80 -10.34 5.28
C TYR A 637 18.83 -10.89 6.32
N VAL A 638 17.58 -10.40 6.32
CA VAL A 638 16.63 -10.71 7.37
C VAL A 638 15.35 -11.26 6.73
N PHE A 639 14.96 -12.44 7.22
CA PHE A 639 13.86 -13.16 6.61
C PHE A 639 12.82 -13.62 7.63
N SER A 640 11.57 -13.65 7.14
CA SER A 640 10.47 -14.14 7.98
C SER A 640 10.37 -15.64 7.83
N VAL A 641 10.45 -16.37 8.93
CA VAL A 641 10.37 -17.85 8.94
C VAL A 641 9.48 -18.24 10.10
N PRO A 642 8.88 -19.41 10.09
CA PRO A 642 8.04 -19.88 11.18
C PRO A 642 8.82 -19.92 12.48
N ALA A 643 8.27 -19.40 13.55
CA ALA A 643 8.90 -19.36 14.87
C ALA A 643 8.93 -20.73 15.55
N GLY A 644 10.02 -21.01 16.25
CA GLY A 644 10.19 -22.24 17.00
C GLY A 644 10.22 -23.52 16.17
N LYS A 645 10.74 -23.46 14.96
CA LYS A 645 10.78 -24.60 14.07
C LYS A 645 12.21 -24.95 13.67
N THR A 646 12.43 -26.25 13.45
CA THR A 646 13.73 -26.71 12.98
C THR A 646 13.69 -26.74 11.45
N ILE A 647 14.62 -26.04 10.83
CA ILE A 647 14.66 -25.87 9.38
C ILE A 647 16.00 -26.32 8.81
N GLN A 648 15.98 -26.58 7.51
CA GLN A 648 17.20 -26.94 6.78
C GLN A 648 17.37 -25.94 5.64
N PHE A 649 18.60 -25.50 5.44
CA PHE A 649 18.83 -24.46 4.44
C PHE A 649 20.28 -24.49 3.94
N LYS A 650 20.45 -23.89 2.77
CA LYS A 650 21.76 -23.63 2.19
C LYS A 650 21.72 -22.27 1.48
N PHE A 651 22.91 -21.76 1.21
CA PHE A 651 23.08 -20.52 0.46
C PHE A 651 23.67 -20.88 -0.91
N PHE A 652 23.44 -20.00 -1.88
CA PHE A 652 24.02 -20.21 -3.20
C PHE A 652 24.37 -18.85 -3.78
N ILE A 653 25.36 -18.86 -4.67
CA ILE A 653 25.72 -17.63 -5.38
C ILE A 653 25.01 -17.67 -6.74
N LYS A 654 24.36 -16.58 -7.08
CA LYS A 654 23.73 -16.48 -8.40
C LYS A 654 24.67 -15.52 -9.15
N ARG A 655 25.53 -16.07 -10.01
CA ARG A 655 26.49 -15.21 -10.70
C ARG A 655 25.77 -14.21 -11.58
N ALA A 656 26.48 -13.16 -12.00
CA ALA A 656 25.92 -12.14 -12.87
C ALA A 656 25.37 -12.73 -14.16
N ASP A 657 25.93 -13.81 -14.66
CA ASP A 657 25.47 -14.47 -15.88
C ASP A 657 24.35 -15.46 -15.65
N GLY A 658 23.84 -15.59 -14.43
CA GLY A 658 22.74 -16.50 -14.16
C GLY A 658 23.17 -17.85 -13.61
N THR A 659 24.45 -18.18 -13.68
CA THR A 659 24.98 -19.44 -13.18
C THR A 659 24.72 -19.58 -11.68
N ILE A 660 24.50 -20.80 -11.21
CA ILE A 660 24.27 -21.06 -9.79
C ILE A 660 25.42 -21.84 -9.17
N GLN A 661 25.98 -21.35 -8.06
CA GLN A 661 27.02 -22.05 -7.35
C GLN A 661 26.55 -22.28 -5.91
N TRP A 662 26.16 -23.51 -5.61
CA TRP A 662 25.70 -23.86 -4.28
C TRP A 662 26.84 -23.96 -3.28
N GLU A 663 26.51 -23.77 -2.00
CA GLU A 663 27.41 -24.18 -0.94
C GLU A 663 27.56 -25.71 -1.09
N ASN A 664 28.71 -26.23 -0.69
CA ASN A 664 28.86 -27.69 -0.76
C ASN A 664 28.42 -28.30 0.56
N GLY A 665 28.57 -29.62 0.67
CA GLY A 665 28.26 -30.36 1.87
C GLY A 665 26.79 -30.52 2.20
N SER A 666 26.53 -30.86 3.46
CA SER A 666 25.18 -31.10 3.93
C SER A 666 24.46 -29.80 4.29
N ASN A 667 23.14 -29.92 4.30
CA ASN A 667 22.33 -28.75 4.64
C ASN A 667 22.66 -28.24 6.05
N HIS A 668 22.51 -26.93 6.22
CA HIS A 668 22.68 -26.31 7.53
C HIS A 668 21.35 -26.58 8.25
N VAL A 669 21.43 -26.92 9.53
CA VAL A 669 20.25 -27.18 10.33
C VAL A 669 20.20 -26.21 11.49
N ALA A 670 19.03 -25.60 11.75
CA ALA A 670 18.91 -24.67 12.87
C ALA A 670 17.46 -24.65 13.36
N THR A 671 17.29 -24.22 14.59
CA THR A 671 15.94 -24.02 15.13
C THR A 671 15.71 -22.52 15.25
N THR A 672 14.58 -22.06 14.70
CA THR A 672 14.28 -20.63 14.75
C THR A 672 13.81 -20.19 16.12
N PRO A 673 14.01 -18.91 16.42
CA PRO A 673 13.62 -18.30 17.68
C PRO A 673 12.13 -18.41 17.92
N THR A 674 11.70 -18.34 19.18
CA THR A 674 10.26 -18.36 19.46
C THR A 674 9.68 -16.96 19.59
N GLY A 675 10.54 -15.97 19.79
CA GLY A 675 10.09 -14.60 19.95
C GLY A 675 9.98 -13.87 18.61
N ALA A 676 9.86 -12.54 18.67
CA ALA A 676 9.70 -11.74 17.46
C ALA A 676 10.90 -11.83 16.53
N THR A 677 12.11 -11.92 17.10
CA THR A 677 13.31 -11.85 16.28
C THR A 677 14.36 -12.84 16.76
N GLY A 678 15.40 -12.97 15.94
CA GLY A 678 16.56 -13.77 16.34
C GLY A 678 17.61 -13.76 15.23
N ASN A 679 18.67 -14.52 15.46
CA ASN A 679 19.79 -14.61 14.54
C ASN A 679 20.23 -16.05 14.29
N ILE A 680 20.54 -16.34 13.06
CA ILE A 680 21.04 -17.64 12.66
C ILE A 680 22.32 -17.34 11.86
N THR A 681 23.46 -17.76 12.38
CA THR A 681 24.73 -17.42 11.75
C THR A 681 25.50 -18.70 11.46
N VAL A 682 25.95 -18.88 10.22
CA VAL A 682 26.67 -20.10 9.85
C VAL A 682 27.87 -19.71 8.98
N THR A 683 28.76 -20.65 8.70
CA THR A 683 29.91 -20.38 7.83
C THR A 683 29.71 -21.11 6.51
N TRP A 684 30.02 -20.43 5.41
CA TRP A 684 29.86 -21.04 4.09
C TRP A 684 30.64 -22.34 4.01
N GLN A 685 30.02 -23.40 3.53
CA GLN A 685 30.67 -24.71 3.38
C GLN A 685 31.31 -24.85 2.01
N ASN A 686 32.65 -24.95 1.99
CA ASN A 686 33.39 -25.00 0.74
C ASN A 686 33.55 -26.42 0.19
C1 GLC B . 23.61 -29.34 -5.34
C2 GLC B . 23.72 -28.87 -3.89
C3 GLC B . 22.61 -29.50 -3.03
C4 GLC B . 21.26 -29.19 -3.65
C5 GLC B . 21.24 -29.71 -5.11
C6 GLC B . 19.95 -29.35 -5.83
O1 GLC B . 23.87 -30.71 -5.36
O2 GLC B . 24.96 -29.25 -3.33
O3 GLC B . 22.63 -28.95 -1.72
O4 GLC B . 20.25 -29.85 -2.91
O5 GLC B . 22.31 -29.14 -5.85
O6 GLC B . 19.84 -30.01 -7.08
C1 GLC B . 19.28 -29.05 -2.24
C2 GLC B . 19.21 -29.54 -0.79
C3 GLC B . 18.61 -30.96 -0.76
C4 GLC B . 17.25 -30.92 -1.46
C5 GLC B . 17.43 -30.42 -2.89
C6 GLC B . 16.10 -30.26 -3.62
O2 GLC B . 20.51 -29.53 -0.23
O3 GLC B . 18.44 -31.30 0.60
O4 GLC B . 16.68 -32.22 -1.47
O5 GLC B . 18.03 -29.12 -2.86
O6 GLC B . 16.37 -29.94 -4.99
C1 GLC C . -6.74 4.45 -35.06
C2 GLC C . -6.24 4.23 -33.63
C3 GLC C . -6.04 2.74 -33.33
C4 GLC C . -7.32 1.97 -33.67
C5 GLC C . -7.62 2.20 -35.17
C6 GLC C . -9.00 1.58 -35.48
O1 GLC C . -5.70 4.19 -35.93
O2 GLC C . -5.00 4.90 -33.45
O3 GLC C . -5.84 2.54 -31.93
O4 GLC C . -7.13 0.59 -33.42
O5 GLC C . -7.84 3.60 -35.36
O6 GLC C . -9.26 1.67 -36.87
C1 GLC C . -7.95 -0.03 -32.45
C2 GLC C . -7.05 -0.87 -31.52
C3 GLC C . -6.43 -2.02 -32.31
C4 GLC C . -7.55 -2.82 -32.98
C5 GLC C . -8.41 -1.90 -33.85
C6 GLC C . -9.63 -2.67 -34.37
O2 GLC C . -6.07 -0.04 -30.92
O3 GLC C . -5.74 -2.89 -31.43
O4 GLC C . -6.99 -3.81 -33.85
O5 GLC C . -8.93 -0.84 -33.03
O6 GLC C . -10.36 -1.90 -35.31
C2 BGC D . 11.85 8.11 -8.91
C3 BGC D . 12.02 7.89 -7.41
C4 BGC D . 12.71 9.11 -6.79
C5 BGC D . 11.93 10.38 -7.16
C6 BGC D . 12.52 11.69 -6.67
C1 BGC D . 11.03 9.42 -9.09
O1 BGC D . 10.85 9.59 -10.46
O2 BGC D . 11.07 7.07 -9.46
O3 BGC D . 12.77 6.72 -7.13
O4 BGC D . 12.65 8.94 -5.37
O5 BGC D . 11.82 10.48 -8.60
O6 BGC D . 13.89 11.82 -7.02
C1 GLC D . 13.81 9.13 -4.61
C2 GLC D . 14.11 7.87 -3.79
C3 GLC D . 13.05 7.68 -2.70
C4 GLC D . 12.86 8.97 -1.92
C5 GLC D . 12.52 10.12 -2.88
C6 GLC D . 12.45 11.46 -2.17
O2 GLC D . 14.18 6.73 -4.62
O3 GLC D . 13.51 6.66 -1.82
O4 GLC D . 11.77 8.84 -0.97
O5 GLC D . 13.66 10.26 -3.77
O6 GLC D . 12.00 12.50 -3.06
C1 AGL D . 12.12 8.95 0.36
C2 AGL D . 11.64 7.73 1.13
C3 AGL D . 10.13 7.72 1.37
C4 AGL D . 9.66 9.04 1.97
C5 AGL D . 10.12 10.14 1.01
C6 AGL D . 9.74 11.56 1.41
O2 AGL D . 12.06 6.56 0.47
O3 AGL D . 9.82 6.63 2.22
N4 AGL D . 8.29 9.13 2.31
O5 AGL D . 11.54 10.13 0.89
C1 GLC D . 7.77 8.73 3.57
C2 GLC D . 6.53 9.58 3.95
C3 GLC D . 7.00 11.02 4.19
C4 GLC D . 7.77 11.01 5.50
C5 GLC D . 8.74 9.85 5.51
C6 GLC D . 9.50 9.62 6.77
O2 GLC D . 5.50 9.51 3.00
O3 GLC D . 5.92 11.93 4.26
O4 GLC D . 8.51 12.22 5.63
O5 GLC D . 8.72 8.81 4.60
O6 GLC D . 8.67 9.07 7.79
C1 GLC D . 8.39 12.92 6.84
C2 GLC D . 7.71 14.28 6.61
C3 GLC D . 8.51 15.11 5.59
C4 GLC D . 9.99 15.22 5.97
C5 GLC D . 10.54 13.83 6.37
C6 GLC D . 11.92 13.89 6.99
O2 GLC D . 6.40 14.12 6.07
O3 GLC D . 7.97 16.44 5.60
O4 GLC D . 10.54 15.59 4.70
O5 GLC D . 9.70 13.20 7.33
O6 GLC D . 11.92 14.51 8.27
C1 GLC D . 11.81 16.15 4.54
C2 GLC D . 11.71 17.24 3.46
C3 GLC D . 11.58 16.66 2.06
C4 GLC D . 12.67 15.61 1.83
C5 GLC D . 12.53 14.55 2.92
C6 GLC D . 13.55 13.45 2.81
O2 GLC D . 10.63 18.12 3.75
O3 GLC D . 11.70 17.72 1.13
O4 GLC D . 12.49 14.96 0.57
O5 GLC D . 12.76 15.18 4.19
O6 GLC D . 14.89 13.93 2.80
CA CA E . 3.15 15.04 20.82
CA CA F . 15.91 1.78 8.87
CA CA G . -7.56 21.17 17.07
S SO4 H . -24.83 -11.76 -8.06
O1 SO4 H . -24.57 -10.36 -7.58
O2 SO4 H . -24.22 -12.73 -7.09
O3 SO4 H . -24.27 -11.95 -9.42
O4 SO4 H . -26.31 -11.98 -8.09
#